data_8H09
#
_entry.id   8H09
#
_cell.length_a   65.932
_cell.length_b   71.238
_cell.length_c   83.645
_cell.angle_alpha   90.000
_cell.angle_beta   101.320
_cell.angle_gamma   90.000
#
_symmetry.space_group_name_H-M   'P 1 21 1'
#
loop_
_entity.id
_entity.type
_entity.pdbx_description
1 polymer 'SGNH/GDSL hydrolase family protein'
2 non-polymer 'PENTAETHYLENE GLYCOL'
3 non-polymer 3-PYRIDINIUM-1-YLPROPANE-1-SULFONATE
4 non-polymer DI(HYDROXYETHYL)ETHER
5 non-polymer 'MAGNESIUM ION'
6 water water
#
_entity_poly.entity_id   1
_entity_poly.type   'polypeptide(L)'
_entity_poly.pdbx_seq_one_letter_code
;MGMMKKTITLLTALLPLASAIAEEPTLSPAMVSAAEVVSAQENQTYTYVRCWYRTSHSKDDAATDWKWAKNQDGSDFTID
GYWWSSVSFKNMFYTNTSQNVIRQRCEETLDLANENADITFFAADNRYSYNHTIWSNDAAMQPDQINKVVALGDSLSDTG
NIFNASQWRFPNPNSWFLGHFSNGFVWTEYVAKAKNLPLYNWAVGGAAGENQYIALTGVGEQVSSYLTYTKLAKNYNPAN
TLFTLEFGLNDFMNYNRSVPEVKADYAEALIRLTDAGAKNFMLMTLPDATKAPQFKYSTQEEIETIRAKVLKMNEFIKAQ
AMYYKAQGYNIALFDTHALFEKLTSAPEEHGFVNASDPCLDINRSSSVDYMYTHSLRSECAASGADKFVFWDVTHPTTAT
HRYVAEKMLESSNNLEEFRFHHHHHH
;
_entity_poly.pdbx_strand_id   A,B
#
loop_
_chem_comp.id
_chem_comp.type
_chem_comp.name
_chem_comp.formula
1PE non-polymer 'PENTAETHYLENE GLYCOL' 'C10 H22 O6'
1PS non-polymer 3-PYRIDINIUM-1-YLPROPANE-1-SULFONATE 'C8 H11 N O3 S'
MG non-polymer 'MAGNESIUM ION' 'Mg 2'
PEG non-polymer DI(HYDROXYETHYL)ETHER 'C4 H10 O3'
#
# COMPACT_ATOMS: atom_id res chain seq x y z
N VAL A 32 13.10 1.24 4.29
CA VAL A 32 13.12 2.61 4.79
C VAL A 32 14.53 2.98 5.32
N SER A 33 15.05 4.14 4.88
CA SER A 33 16.36 4.66 5.24
C SER A 33 16.48 5.01 6.71
N ALA A 34 17.69 4.82 7.29
CA ALA A 34 18.01 5.13 8.69
C ALA A 34 17.76 6.61 9.01
N ALA A 35 17.90 7.48 7.98
CA ALA A 35 17.66 8.91 8.06
C ALA A 35 16.15 9.18 8.07
N GLU A 36 15.34 8.40 7.31
CA GLU A 36 13.87 8.56 7.32
C GLU A 36 13.28 8.01 8.62
N VAL A 37 13.97 7.03 9.26
CA VAL A 37 13.54 6.46 10.54
C VAL A 37 13.70 7.55 11.64
N VAL A 38 14.90 8.13 11.78
CA VAL A 38 15.18 9.18 12.77
C VAL A 38 14.31 10.44 12.52
N SER A 39 14.04 10.75 11.22
CA SER A 39 13.22 11.89 10.77
C SER A 39 11.76 11.71 11.18
N ALA A 40 11.23 10.48 11.12
CA ALA A 40 9.85 10.24 11.52
C ALA A 40 9.72 10.21 13.05
N GLN A 41 10.72 9.60 13.76
CA GLN A 41 10.79 9.50 15.22
C GLN A 41 10.85 10.85 15.92
N GLU A 42 11.58 11.82 15.30
CA GLU A 42 11.74 13.18 15.82
C GLU A 42 10.50 14.05 15.58
N ASN A 43 9.58 13.61 14.67
CA ASN A 43 8.36 14.36 14.37
C ASN A 43 7.32 14.04 15.45
N GLN A 44 7.62 14.49 16.69
CA GLN A 44 6.78 14.24 17.85
C GLN A 44 5.53 15.13 17.87
N THR A 45 4.37 14.53 18.18
CA THR A 45 3.08 15.23 18.29
C THR A 45 2.28 14.47 19.37
N TYR A 46 0.97 14.67 19.44
CA TYR A 46 0.09 13.92 20.35
C TYR A 46 -1.15 13.52 19.59
N THR A 47 -1.89 12.56 20.14
CA THR A 47 -3.19 12.14 19.60
C THR A 47 -4.10 11.74 20.76
N TYR A 48 -5.34 11.42 20.44
CA TYR A 48 -6.33 11.01 21.43
C TYR A 48 -6.55 9.52 21.33
N VAL A 49 -7.30 8.95 22.26
CA VAL A 49 -7.52 7.50 22.34
C VAL A 49 -9.02 7.23 22.29
N ARG A 50 -9.42 6.42 21.33
CA ARG A 50 -10.81 6.03 21.13
C ARG A 50 -10.96 4.69 21.85
N CYS A 51 -11.85 4.63 22.85
CA CYS A 51 -12.10 3.43 23.67
C CYS A 51 -13.37 2.79 23.18
N TRP A 52 -13.25 1.61 22.55
CA TRP A 52 -14.44 0.89 22.06
C TRP A 52 -14.91 -0.10 23.09
N TYR A 53 -16.22 -0.43 23.06
CA TYR A 53 -16.76 -1.39 24.00
C TYR A 53 -18.03 -2.01 23.43
N ARG A 54 -18.34 -3.23 23.89
CA ARG A 54 -19.60 -3.90 23.54
C ARG A 54 -20.71 -3.17 24.31
N THR A 55 -21.80 -2.80 23.61
CA THR A 55 -22.89 -2.05 24.29
C THR A 55 -23.74 -2.97 25.15
N SER A 56 -23.98 -4.18 24.69
CA SER A 56 -24.76 -5.15 25.45
C SER A 56 -23.93 -5.84 26.51
N HIS A 57 -24.62 -6.36 27.55
CA HIS A 57 -23.98 -7.18 28.57
C HIS A 57 -23.86 -8.63 28.07
N SER A 58 -24.49 -8.95 26.94
CA SER A 58 -24.46 -10.30 26.38
C SER A 58 -23.56 -10.40 25.16
N LYS A 59 -22.76 -11.48 25.05
CA LYS A 59 -21.92 -11.72 23.86
C LYS A 59 -22.77 -12.14 22.63
N ASP A 60 -24.10 -12.30 22.79
CA ASP A 60 -24.99 -12.61 21.67
C ASP A 60 -25.15 -11.37 20.80
N ASP A 61 -24.82 -10.19 21.36
CA ASP A 61 -24.99 -8.94 20.62
CA ASP A 61 -25.00 -8.93 20.66
C ASP A 61 -23.63 -8.34 20.30
N ALA A 62 -23.30 -8.30 19.01
CA ALA A 62 -21.97 -7.82 18.56
C ALA A 62 -21.79 -6.30 18.54
N ALA A 63 -22.86 -5.52 18.67
CA ALA A 63 -22.81 -4.05 18.58
C ALA A 63 -21.83 -3.40 19.56
N THR A 64 -21.16 -2.36 19.08
CA THR A 64 -20.17 -1.62 19.88
C THR A 64 -20.40 -0.13 19.78
N ASP A 65 -19.74 0.61 20.66
CA ASP A 65 -19.77 2.05 20.64
C ASP A 65 -18.44 2.51 21.20
N TRP A 66 -18.16 3.82 21.19
CA TRP A 66 -16.85 4.29 21.69
C TRP A 66 -17.00 5.58 22.46
N LYS A 67 -15.98 5.90 23.26
CA LYS A 67 -15.84 7.17 23.98
C LYS A 67 -14.39 7.54 23.95
N TRP A 68 -14.09 8.83 24.06
CA TRP A 68 -12.69 9.26 24.14
C TRP A 68 -12.19 8.94 25.53
N ALA A 69 -10.95 8.44 25.63
CA ALA A 69 -10.33 8.16 26.93
C ALA A 69 -10.21 9.50 27.66
N LYS A 70 -10.42 9.48 28.97
CA LYS A 70 -10.30 10.68 29.80
C LYS A 70 -9.30 10.42 30.91
N ASN A 71 -8.78 11.51 31.54
CA ASN A 71 -7.95 11.45 32.74
C ASN A 71 -8.94 11.51 33.92
N GLN A 72 -8.50 11.23 35.15
CA GLN A 72 -9.36 11.27 36.34
C GLN A 72 -10.08 12.62 36.56
N ASP A 73 -9.45 13.73 36.16
CA ASP A 73 -10.00 15.07 36.30
C ASP A 73 -11.08 15.42 35.24
N GLY A 74 -11.31 14.51 34.29
CA GLY A 74 -12.30 14.69 33.24
C GLY A 74 -11.75 15.25 31.94
N SER A 75 -10.46 15.67 31.92
CA SER A 75 -9.84 16.20 30.71
C SER A 75 -9.59 15.03 29.73
N ASP A 76 -9.47 15.34 28.43
CA ASP A 76 -9.20 14.31 27.44
C ASP A 76 -7.79 13.74 27.65
N PHE A 77 -7.67 12.42 27.55
CA PHE A 77 -6.39 11.73 27.67
C PHE A 77 -5.68 11.80 26.31
N THR A 78 -4.42 12.19 26.32
CA THR A 78 -3.64 12.22 25.09
C THR A 78 -2.38 11.41 25.29
N ILE A 79 -1.82 10.92 24.19
CA ILE A 79 -0.55 10.20 24.20
C ILE A 79 0.39 10.92 23.26
N ASP A 80 1.66 11.03 23.64
CA ASP A 80 2.70 11.66 22.83
C ASP A 80 3.37 10.62 21.94
N GLY A 81 3.85 11.03 20.78
CA GLY A 81 4.54 10.13 19.88
C GLY A 81 4.61 10.59 18.45
N TYR A 82 4.80 9.64 17.54
CA TYR A 82 4.96 9.96 16.13
C TYR A 82 4.15 9.01 15.29
N TRP A 83 3.68 9.50 14.14
CA TRP A 83 2.95 8.70 13.17
C TRP A 83 3.89 8.22 12.10
N TRP A 84 3.50 7.16 11.42
CA TRP A 84 4.20 6.68 10.25
C TRP A 84 3.30 5.76 9.44
N SER A 85 3.41 5.87 8.12
CA SER A 85 2.65 5.03 7.21
C SER A 85 3.44 4.78 5.95
N SER A 86 3.37 3.54 5.46
CA SER A 86 4.02 3.11 4.23
C SER A 86 3.15 3.51 3.03
N VAL A 87 1.83 3.69 3.28
CA VAL A 87 0.78 4.03 2.32
C VAL A 87 -0.36 4.78 3.06
N SER A 88 -0.95 5.80 2.40
CA SER A 88 -2.03 6.66 2.90
C SER A 88 -3.09 6.00 3.82
N PHE A 89 -3.40 6.65 4.98
CA PHE A 89 -4.39 6.26 6.01
C PHE A 89 -4.02 4.96 6.76
N LYS A 90 -2.94 4.25 6.35
CA LYS A 90 -2.49 3.02 7.02
C LYS A 90 -1.49 3.41 8.11
N ASN A 91 -1.89 4.29 9.00
CA ASN A 91 -1.00 4.86 9.99
C ASN A 91 -0.93 4.14 11.29
N MET A 92 0.27 4.02 11.84
CA MET A 92 0.46 3.48 13.18
C MET A 92 0.99 4.63 14.01
N PHE A 93 0.54 4.74 15.26
CA PHE A 93 1.02 5.78 16.16
C PHE A 93 1.97 5.11 17.14
N TYR A 94 3.19 5.62 17.26
CA TYR A 94 4.23 5.05 18.13
C TYR A 94 4.37 5.91 19.37
N THR A 95 4.15 5.31 20.54
CA THR A 95 4.20 6.07 21.79
C THR A 95 5.10 5.45 22.84
N ASN A 96 5.58 6.30 23.75
CA ASN A 96 6.35 5.85 24.90
C ASN A 96 5.39 5.28 25.95
N THR A 97 4.11 5.72 25.95
CA THR A 97 3.09 5.25 26.90
C THR A 97 2.81 3.75 26.73
N SER A 98 2.79 3.00 27.83
CA SER A 98 2.57 1.56 27.78
C SER A 98 1.09 1.22 27.46
N GLN A 99 0.85 0.06 26.85
CA GLN A 99 -0.49 -0.40 26.55
C GLN A 99 -1.36 -0.52 27.83
N ASN A 100 -0.76 -0.98 28.96
CA ASN A 100 -1.50 -1.12 30.21
C ASN A 100 -2.05 0.19 30.74
N VAL A 101 -1.26 1.29 30.61
CA VAL A 101 -1.69 2.62 31.05
C VAL A 101 -2.89 3.06 30.19
N ILE A 102 -2.80 2.87 28.86
CA ILE A 102 -3.88 3.23 27.94
C ILE A 102 -5.15 2.42 28.27
N ARG A 103 -5.00 1.08 28.41
CA ARG A 103 -6.13 0.21 28.75
C ARG A 103 -6.82 0.68 30.05
N GLN A 104 -6.04 0.97 31.08
CA GLN A 104 -6.54 1.47 32.38
C GLN A 104 -7.33 2.78 32.20
N ARG A 105 -6.84 3.71 31.34
CA ARG A 105 -7.57 4.96 31.12
C ARG A 105 -8.92 4.64 30.49
N CYS A 106 -8.94 3.72 29.50
CA CYS A 106 -10.22 3.34 28.90
C CYS A 106 -11.17 2.72 29.91
N GLU A 107 -10.66 1.79 30.74
CA GLU A 107 -11.51 1.10 31.74
C GLU A 107 -12.12 2.09 32.71
N GLU A 108 -11.31 3.04 33.20
CA GLU A 108 -11.77 4.05 34.14
C GLU A 108 -12.74 5.04 33.53
N THR A 109 -12.50 5.41 32.26
CA THR A 109 -13.38 6.34 31.54
C THR A 109 -14.76 5.70 31.30
N LEU A 110 -14.74 4.48 30.81
CA LEU A 110 -15.98 3.81 30.45
C LEU A 110 -16.86 3.50 31.65
N ASP A 111 -16.27 3.00 32.76
CA ASP A 111 -17.00 2.69 34.00
C ASP A 111 -18.41 2.06 33.70
N LEU A 112 -18.42 0.97 32.93
CA LEU A 112 -19.62 0.32 32.40
C LEU A 112 -20.36 -0.71 33.26
N ALA A 113 -19.65 -1.32 34.23
CA ALA A 113 -20.14 -2.45 35.06
C ALA A 113 -20.56 -3.56 34.08
N ASN A 114 -19.79 -3.71 32.98
CA ASN A 114 -20.14 -4.69 31.95
C ASN A 114 -19.03 -5.69 31.87
N GLU A 115 -19.29 -6.90 32.35
CA GLU A 115 -18.26 -7.97 32.34
C GLU A 115 -17.87 -8.40 30.91
N ASN A 116 -18.73 -8.13 29.93
CA ASN A 116 -18.49 -8.44 28.51
C ASN A 116 -18.15 -7.19 27.70
N ALA A 117 -17.69 -6.10 28.37
CA ALA A 117 -17.34 -4.85 27.67
C ALA A 117 -16.35 -5.09 26.54
N ASP A 118 -15.38 -6.05 26.73
CA ASP A 118 -14.41 -6.43 25.69
C ASP A 118 -13.78 -5.21 25.02
N ILE A 119 -13.21 -4.36 25.87
CA ILE A 119 -12.65 -3.09 25.44
C ILE A 119 -11.46 -3.23 24.51
N THR A 120 -11.44 -2.42 23.45
CA THR A 120 -10.27 -2.27 22.56
C THR A 120 -10.05 -0.76 22.39
N PHE A 121 -8.86 -0.36 21.94
CA PHE A 121 -8.58 1.08 21.82
C PHE A 121 -7.64 1.35 20.68
N PHE A 122 -7.70 2.58 20.15
CA PHE A 122 -6.92 3.02 19.01
C PHE A 122 -6.57 4.48 19.13
N ALA A 123 -5.61 4.93 18.30
CA ALA A 123 -5.24 6.34 18.22
C ALA A 123 -6.17 6.98 17.20
N ALA A 124 -6.65 8.19 17.51
CA ALA A 124 -7.52 8.93 16.64
C ALA A 124 -7.39 10.40 16.96
N ASP A 125 -7.25 11.24 15.93
CA ASP A 125 -7.19 12.69 16.13
C ASP A 125 -8.59 13.25 16.38
N ASN A 126 -9.63 12.68 15.75
CA ASN A 126 -11.01 13.15 15.86
C ASN A 126 -12.01 12.04 15.50
N ARG A 127 -13.32 12.34 15.56
CA ARG A 127 -14.37 11.35 15.27
C ARG A 127 -14.30 10.73 13.84
N TYR A 128 -13.61 11.37 12.91
CA TYR A 128 -13.53 10.86 11.52
C TYR A 128 -12.31 9.96 11.25
N SER A 129 -11.34 9.93 12.18
CA SER A 129 -10.14 9.11 11.98
C SER A 129 -10.48 7.61 11.90
N TYR A 130 -9.64 6.84 11.18
CA TYR A 130 -9.75 5.39 11.17
C TYR A 130 -9.27 4.94 12.55
N ASN A 131 -9.41 3.64 12.84
CA ASN A 131 -8.95 3.06 14.10
C ASN A 131 -7.46 2.74 13.90
N HIS A 132 -6.57 3.65 14.30
CA HIS A 132 -5.14 3.43 14.12
C HIS A 132 -4.53 2.67 15.28
N THR A 133 -3.74 1.62 14.99
CA THR A 133 -3.07 0.87 16.04
C THR A 133 -2.05 1.76 16.75
N ILE A 134 -1.98 1.62 18.07
CA ILE A 134 -1.01 2.31 18.90
C ILE A 134 0.11 1.29 19.20
N TRP A 135 1.33 1.59 18.78
CA TRP A 135 2.48 0.75 19.09
C TRP A 135 3.18 1.37 20.31
N SER A 136 3.29 0.62 21.42
CA SER A 136 3.98 1.15 22.60
C SER A 136 5.46 0.75 22.48
N ASN A 137 6.34 1.73 22.28
CA ASN A 137 7.77 1.49 22.13
C ASN A 137 8.37 0.83 23.35
N ASP A 138 9.28 -0.13 23.13
CA ASP A 138 9.95 -0.82 24.22
C ASP A 138 11.04 0.08 24.79
N ALA A 139 11.44 -0.22 26.03
CA ALA A 139 12.52 0.45 26.72
C ALA A 139 13.85 -0.04 26.16
N ALA A 140 14.91 0.77 26.34
CA ALA A 140 16.26 0.40 25.92
C ALA A 140 16.76 -0.81 26.72
N MET A 141 16.37 -0.91 28.01
CA MET A 141 16.84 -1.99 28.90
C MET A 141 15.77 -3.07 29.18
N GLN A 142 15.17 -3.62 28.11
CA GLN A 142 14.16 -4.69 28.22
C GLN A 142 14.78 -5.97 28.76
N PRO A 143 14.10 -6.69 29.69
CA PRO A 143 14.60 -8.02 30.12
C PRO A 143 14.40 -9.04 28.99
N ASP A 144 15.10 -10.18 29.06
CA ASP A 144 15.01 -11.25 28.07
C ASP A 144 13.73 -12.03 28.31
N GLN A 145 12.59 -11.49 27.81
CA GLN A 145 11.30 -12.12 27.94
C GLN A 145 10.33 -11.61 26.91
N ILE A 146 9.42 -12.46 26.50
CA ILE A 146 8.37 -12.10 25.54
C ILE A 146 7.58 -10.93 26.11
N ASN A 147 7.44 -9.85 25.32
CA ASN A 147 6.74 -8.66 25.79
C ASN A 147 5.65 -8.17 24.82
N LYS A 148 5.33 -8.94 23.78
CA LYS A 148 4.25 -8.59 22.84
C LYS A 148 3.94 -9.79 21.96
N VAL A 149 2.78 -9.73 21.33
CA VAL A 149 2.31 -10.73 20.39
C VAL A 149 2.13 -10.04 19.04
N VAL A 150 2.63 -10.64 17.99
CA VAL A 150 2.49 -10.14 16.63
C VAL A 150 1.80 -11.24 15.87
N ALA A 151 0.63 -10.93 15.28
CA ALA A 151 -0.16 -11.98 14.61
C ALA A 151 -0.17 -11.79 13.11
N LEU A 152 -0.10 -12.92 12.39
CA LEU A 152 -0.14 -12.96 10.93
C LEU A 152 -1.18 -13.99 10.56
N GLY A 153 -1.94 -13.71 9.54
CA GLY A 153 -2.94 -14.68 9.12
C GLY A 153 -4.15 -14.12 8.41
N ASP A 154 -5.29 -14.83 8.60
CA ASP A 154 -6.54 -14.53 7.89
C ASP A 154 -7.71 -14.20 8.82
N SER A 155 -8.95 -14.56 8.45
CA SER A 155 -10.11 -14.17 9.25
C SER A 155 -10.22 -14.92 10.59
N LEU A 156 -9.40 -15.98 10.79
CA LEU A 156 -9.38 -16.59 12.11
C LEU A 156 -8.60 -15.70 13.10
N SER A 157 -7.84 -14.71 12.59
CA SER A 157 -7.03 -13.86 13.48
C SER A 157 -7.30 -12.35 13.34
N ASP A 158 -7.85 -11.90 12.21
CA ASP A 158 -8.01 -10.44 12.04
C ASP A 158 -8.82 -9.77 13.15
N THR A 159 -8.29 -8.67 13.70
CA THR A 159 -8.94 -7.89 14.75
C THR A 159 -9.42 -6.53 14.23
N GLY A 160 -9.27 -6.26 12.94
CA GLY A 160 -9.79 -4.99 12.41
C GLY A 160 -9.17 -4.40 11.15
N ASN A 161 -8.28 -5.15 10.48
CA ASN A 161 -7.61 -4.61 9.30
C ASN A 161 -8.51 -4.46 8.10
N ILE A 162 -9.21 -5.53 7.69
CA ILE A 162 -10.10 -5.37 6.56
C ILE A 162 -11.27 -4.42 6.91
N PHE A 163 -11.68 -4.39 8.18
CA PHE A 163 -12.74 -3.50 8.65
C PHE A 163 -12.37 -2.02 8.42
N ASN A 164 -11.16 -1.61 8.83
CA ASN A 164 -10.70 -0.24 8.59
C ASN A 164 -10.57 0.03 7.09
N ALA A 165 -10.01 -0.96 6.33
CA ALA A 165 -9.82 -0.80 4.89
C ALA A 165 -11.15 -0.65 4.14
N SER A 166 -12.26 -1.25 4.68
CA SER A 166 -13.57 -1.17 4.04
C SER A 166 -14.41 -0.02 4.57
N GLN A 167 -13.78 0.93 5.28
CA GLN A 167 -14.42 2.09 5.90
C GLN A 167 -15.53 1.71 6.88
N TRP A 168 -15.28 0.62 7.64
CA TRP A 168 -16.11 0.10 8.73
C TRP A 168 -17.41 -0.51 8.25
N ARG A 169 -17.41 -1.04 7.01
CA ARG A 169 -18.59 -1.64 6.40
C ARG A 169 -18.52 -3.17 6.36
N PHE A 170 -17.31 -3.70 6.24
CA PHE A 170 -17.10 -5.13 6.06
C PHE A 170 -16.17 -5.69 7.16
N PRO A 171 -16.61 -6.59 8.08
CA PRO A 171 -18.01 -7.10 8.25
C PRO A 171 -18.84 -6.06 8.99
N ASN A 172 -20.16 -6.12 8.79
CA ASN A 172 -21.13 -5.17 9.34
C ASN A 172 -21.00 -5.11 10.86
N PRO A 173 -20.81 -3.90 11.44
CA PRO A 173 -20.57 -3.80 12.89
C PRO A 173 -21.78 -4.03 13.80
N ASN A 174 -22.97 -4.30 13.24
CA ASN A 174 -24.11 -4.67 14.09
C ASN A 174 -24.13 -6.19 14.32
N SER A 175 -23.57 -6.98 13.36
CA SER A 175 -23.63 -8.44 13.45
C SER A 175 -22.27 -9.14 13.61
N TRP A 176 -21.16 -8.40 13.51
CA TRP A 176 -19.79 -8.91 13.75
C TRP A 176 -19.15 -7.89 14.64
N PHE A 177 -18.39 -8.37 15.64
CA PHE A 177 -17.81 -7.51 16.66
C PHE A 177 -16.66 -6.65 16.13
N LEU A 178 -16.94 -5.36 15.91
CA LEU A 178 -15.95 -4.35 15.52
C LEU A 178 -14.77 -4.90 14.66
N GLY A 179 -15.09 -5.36 13.47
CA GLY A 179 -14.04 -5.81 12.56
C GLY A 179 -13.47 -7.18 12.79
N HIS A 180 -13.97 -7.89 13.81
CA HIS A 180 -13.57 -9.27 14.07
C HIS A 180 -14.62 -10.14 13.38
N PHE A 181 -14.21 -11.20 12.67
CA PHE A 181 -15.17 -12.11 12.04
C PHE A 181 -15.71 -13.09 13.10
N SER A 182 -16.43 -12.56 14.10
CA SER A 182 -16.98 -13.34 15.21
C SER A 182 -17.85 -12.38 16.01
N ASN A 183 -18.42 -12.88 17.12
CA ASN A 183 -19.24 -12.05 18.03
C ASN A 183 -18.37 -11.45 19.18
N GLY A 184 -17.05 -11.62 19.10
CA GLY A 184 -16.18 -11.09 20.15
C GLY A 184 -14.73 -11.30 19.77
N PHE A 185 -13.87 -11.35 20.79
CA PHE A 185 -12.43 -11.57 20.56
C PHE A 185 -12.13 -12.85 19.80
N VAL A 186 -11.00 -12.85 19.09
CA VAL A 186 -10.48 -14.02 18.38
C VAL A 186 -9.39 -14.65 19.25
N TRP A 187 -8.90 -15.84 18.86
CA TRP A 187 -7.98 -16.62 19.69
C TRP A 187 -6.71 -15.86 20.07
N THR A 188 -6.12 -15.06 19.15
CA THR A 188 -4.88 -14.33 19.46
C THR A 188 -5.09 -13.33 20.59
N GLU A 189 -6.27 -12.69 20.64
CA GLU A 189 -6.58 -11.74 21.70
C GLU A 189 -6.69 -12.42 23.03
N TYR A 190 -7.30 -13.62 23.07
CA TYR A 190 -7.41 -14.37 24.32
C TYR A 190 -6.03 -14.82 24.80
N VAL A 191 -5.17 -15.22 23.85
CA VAL A 191 -3.79 -15.61 24.21
C VAL A 191 -3.06 -14.41 24.81
N ALA A 192 -3.07 -13.25 24.10
CA ALA A 192 -2.43 -12.02 24.55
C ALA A 192 -2.98 -11.56 25.91
N LYS A 193 -4.32 -11.64 26.09
CA LYS A 193 -4.97 -11.28 27.37
C LYS A 193 -4.49 -12.16 28.51
N ALA A 194 -4.45 -13.47 28.31
CA ALA A 194 -4.04 -14.42 29.35
C ALA A 194 -2.60 -14.14 29.85
N LYS A 195 -1.75 -13.65 28.97
CA LYS A 195 -0.35 -13.33 29.29
C LYS A 195 -0.14 -11.86 29.57
N ASN A 196 -1.25 -11.04 29.56
CA ASN A 196 -1.24 -9.59 29.75
C ASN A 196 -0.19 -8.95 28.79
N LEU A 197 -0.25 -9.36 27.51
CA LEU A 197 0.68 -8.83 26.51
C LEU A 197 -0.07 -8.00 25.51
N PRO A 198 0.56 -6.94 24.96
CA PRO A 198 -0.09 -6.21 23.86
C PRO A 198 -0.12 -7.10 22.61
N LEU A 199 -1.17 -6.94 21.80
CA LEU A 199 -1.29 -7.70 20.54
C LEU A 199 -1.22 -6.73 19.36
N TYR A 200 -0.31 -6.98 18.42
CA TYR A 200 -0.19 -6.13 17.22
C TYR A 200 -0.55 -7.01 16.05
N ASN A 201 -1.69 -6.71 15.45
CA ASN A 201 -2.26 -7.57 14.41
C ASN A 201 -1.99 -7.18 12.97
N TRP A 202 -1.40 -8.11 12.17
CA TRP A 202 -1.20 -7.91 10.74
C TRP A 202 -2.14 -8.82 9.93
N ALA A 203 -2.85 -9.75 10.58
CA ALA A 203 -3.79 -10.64 9.90
C ALA A 203 -4.88 -9.86 9.21
N VAL A 204 -5.30 -10.35 8.04
CA VAL A 204 -6.34 -9.63 7.27
C VAL A 204 -7.37 -10.64 6.84
N GLY A 205 -8.63 -10.39 7.16
CA GLY A 205 -9.71 -11.31 6.80
C GLY A 205 -9.81 -11.62 5.32
N THR A 217 -5.10 -8.94 1.97
CA THR A 217 -3.75 -8.97 1.43
C THR A 217 -2.91 -10.08 2.10
N GLY A 218 -2.26 -10.87 1.25
CA GLY A 218 -1.50 -12.08 1.55
C GLY A 218 -0.50 -12.03 2.69
N VAL A 219 -0.14 -13.20 3.20
CA VAL A 219 0.77 -13.33 4.34
C VAL A 219 2.19 -12.84 3.99
N GLY A 220 2.61 -12.97 2.72
CA GLY A 220 3.89 -12.41 2.26
C GLY A 220 3.89 -10.90 2.42
N GLU A 221 2.77 -10.26 2.07
CA GLU A 221 2.65 -8.79 2.23
C GLU A 221 2.58 -8.40 3.71
N GLN A 222 1.96 -9.25 4.54
CA GLN A 222 1.87 -9.00 5.99
C GLN A 222 3.27 -9.06 6.60
N VAL A 223 4.09 -10.03 6.17
CA VAL A 223 5.49 -10.10 6.64
C VAL A 223 6.25 -8.84 6.24
N SER A 224 6.13 -8.41 4.96
CA SER A 224 6.78 -7.19 4.48
C SER A 224 6.33 -5.98 5.28
N SER A 225 5.01 -5.89 5.56
CA SER A 225 4.45 -4.79 6.35
C SER A 225 5.04 -4.82 7.77
N TYR A 226 5.03 -6.00 8.43
CA TYR A 226 5.60 -6.14 9.78
C TYR A 226 7.07 -5.66 9.79
N LEU A 227 7.87 -6.07 8.79
CA LEU A 227 9.28 -5.69 8.70
C LEU A 227 9.48 -4.21 8.51
N THR A 228 8.57 -3.58 7.77
CA THR A 228 8.63 -2.14 7.49
C THR A 228 8.26 -1.31 8.74
N TYR A 229 7.08 -1.55 9.33
CA TYR A 229 6.63 -0.80 10.51
C TYR A 229 7.54 -0.93 11.70
N THR A 230 8.11 -2.14 11.96
CA THR A 230 8.99 -2.33 13.12
C THR A 230 10.36 -1.60 12.93
N LYS A 231 10.75 -1.18 11.68
CA LYS A 231 11.99 -0.41 11.50
C LYS A 231 11.82 0.98 12.15
N LEU A 232 10.55 1.44 12.27
CA LEU A 232 10.22 2.72 12.91
C LEU A 232 10.09 2.62 14.42
N ALA A 233 9.98 1.39 14.96
CA ALA A 233 9.86 1.15 16.40
C ALA A 233 11.17 1.43 17.09
N LYS A 234 11.13 1.90 18.34
CA LYS A 234 12.35 2.17 19.11
C LYS A 234 12.68 0.96 19.98
N ASN A 235 13.97 0.65 20.09
CA ASN A 235 14.48 -0.45 20.90
C ASN A 235 13.80 -1.78 20.57
N TYR A 236 13.48 -2.00 19.29
CA TYR A 236 12.79 -3.20 18.91
C TYR A 236 13.73 -4.39 18.83
N ASN A 237 13.47 -5.39 19.67
CA ASN A 237 14.22 -6.66 19.69
C ASN A 237 13.23 -7.78 19.28
N PRO A 238 13.33 -8.33 18.04
CA PRO A 238 12.34 -9.36 17.61
C PRO A 238 12.36 -10.64 18.43
N ALA A 239 13.44 -10.91 19.19
CA ALA A 239 13.50 -12.09 20.06
C ALA A 239 12.48 -12.03 21.20
N ASN A 240 11.96 -10.82 21.53
CA ASN A 240 10.96 -10.64 22.59
C ASN A 240 9.52 -10.64 22.05
N THR A 241 9.35 -10.98 20.76
CA THR A 241 8.02 -11.04 20.19
C THR A 241 7.54 -12.50 20.10
N LEU A 242 6.27 -12.75 20.45
CA LEU A 242 5.66 -14.04 20.26
C LEU A 242 4.88 -13.88 18.93
N PHE A 243 5.26 -14.64 17.91
CA PHE A 243 4.58 -14.58 16.63
C PHE A 243 3.51 -15.65 16.54
N THR A 244 2.35 -15.29 15.99
CA THR A 244 1.30 -16.28 15.74
C THR A 244 1.12 -16.32 14.25
N LEU A 245 0.95 -17.51 13.70
CA LEU A 245 0.80 -17.65 12.27
C LEU A 245 -0.21 -18.73 11.95
N GLU A 246 -1.19 -18.39 11.12
CA GLU A 246 -2.15 -19.35 10.58
C GLU A 246 -2.58 -18.87 9.23
N PHE A 247 -2.54 -19.73 8.20
CA PHE A 247 -3.06 -19.37 6.90
C PHE A 247 -3.06 -20.61 6.02
N GLY A 248 -3.82 -20.50 4.95
CA GLY A 248 -3.98 -21.58 3.99
C GLY A 248 -5.44 -21.83 3.68
N LEU A 249 -6.35 -21.61 4.66
CA LEU A 249 -7.76 -21.87 4.40
C LEU A 249 -8.33 -21.01 3.29
N ASN A 250 -8.05 -19.70 3.31
CA ASN A 250 -8.52 -18.78 2.28
C ASN A 250 -7.99 -19.18 0.92
N ASP A 251 -6.71 -19.58 0.86
CA ASP A 251 -6.04 -20.00 -0.37
C ASP A 251 -6.74 -21.22 -0.99
N PHE A 252 -7.10 -22.21 -0.16
CA PHE A 252 -7.77 -23.42 -0.67
C PHE A 252 -9.26 -23.22 -0.97
N MET A 253 -9.97 -22.52 -0.06
CA MET A 253 -11.41 -22.27 -0.11
C MET A 253 -11.80 -21.24 -1.18
N ASN A 254 -11.08 -20.12 -1.28
CA ASN A 254 -11.49 -19.06 -2.20
C ASN A 254 -10.71 -18.92 -3.48
N TYR A 255 -9.44 -19.32 -3.47
CA TYR A 255 -8.62 -19.09 -4.65
C TYR A 255 -8.19 -20.37 -5.38
N ASN A 256 -8.60 -21.55 -4.84
CA ASN A 256 -8.32 -22.88 -5.40
C ASN A 256 -6.80 -23.08 -5.62
N ARG A 257 -5.97 -22.49 -4.72
CA ARG A 257 -4.52 -22.60 -4.89
C ARG A 257 -4.06 -24.02 -4.64
N SER A 258 -2.96 -24.40 -5.29
CA SER A 258 -2.41 -25.73 -5.17
C SER A 258 -1.76 -25.88 -3.81
N VAL A 259 -1.69 -27.09 -3.32
CA VAL A 259 -1.04 -27.41 -2.03
C VAL A 259 0.45 -26.93 -2.09
N PRO A 260 1.25 -27.29 -3.14
CA PRO A 260 2.66 -26.83 -3.12
C PRO A 260 2.84 -25.31 -3.07
N GLU A 261 1.98 -24.52 -3.73
CA GLU A 261 2.16 -23.08 -3.68
C GLU A 261 1.85 -22.51 -2.30
N VAL A 262 0.85 -23.07 -1.62
CA VAL A 262 0.52 -22.64 -0.25
C VAL A 262 1.63 -23.10 0.74
N LYS A 263 2.13 -24.35 0.58
CA LYS A 263 3.25 -24.84 1.40
C LYS A 263 4.46 -23.90 1.23
N ALA A 264 4.77 -23.56 -0.02
CA ALA A 264 5.94 -22.70 -0.35
C ALA A 264 5.81 -21.30 0.29
N ASP A 265 4.61 -20.71 0.27
CA ASP A 265 4.35 -19.40 0.88
C ASP A 265 4.51 -19.45 2.41
N TYR A 266 4.07 -20.54 3.01
CA TYR A 266 4.15 -20.76 4.46
C TYR A 266 5.61 -20.89 4.87
N ALA A 267 6.39 -21.75 4.14
CA ALA A 267 7.81 -21.91 4.42
C ALA A 267 8.53 -20.57 4.25
N GLU A 268 8.15 -19.79 3.22
CA GLU A 268 8.77 -18.49 2.92
C GLU A 268 8.53 -17.53 4.07
N ALA A 269 7.30 -17.49 4.60
CA ALA A 269 6.99 -16.58 5.71
C ALA A 269 7.89 -16.89 6.91
N LEU A 270 8.06 -18.18 7.25
CA LEU A 270 8.94 -18.56 8.37
C LEU A 270 10.41 -18.29 8.11
N ILE A 271 10.88 -18.50 6.86
CA ILE A 271 12.28 -18.17 6.48
C ILE A 271 12.48 -16.67 6.70
N ARG A 272 11.59 -15.84 6.15
CA ARG A 272 11.74 -14.38 6.25
C ARG A 272 11.70 -13.89 7.71
N LEU A 273 10.77 -14.40 8.51
CA LEU A 273 10.68 -13.96 9.92
C LEU A 273 11.88 -14.41 10.74
N THR A 274 12.31 -15.68 10.59
CA THR A 274 13.48 -16.17 11.34
C THR A 274 14.77 -15.47 10.91
N ASP A 275 14.93 -15.17 9.61
CA ASP A 275 16.08 -14.41 9.14
C ASP A 275 16.10 -12.98 9.69
N ALA A 276 14.94 -12.44 10.04
CA ALA A 276 14.77 -11.09 10.61
C ALA A 276 14.78 -11.11 12.16
N GLY A 277 15.20 -12.23 12.75
CA GLY A 277 15.38 -12.35 14.20
C GLY A 277 14.24 -12.89 15.03
N ALA A 278 13.18 -13.43 14.38
CA ALA A 278 12.05 -14.05 15.11
C ALA A 278 12.54 -15.35 15.75
N LYS A 279 12.14 -15.60 17.00
CA LYS A 279 12.59 -16.80 17.73
C LYS A 279 11.45 -17.63 18.29
N ASN A 280 10.28 -16.98 18.57
CA ASN A 280 9.15 -17.58 19.26
C ASN A 280 7.90 -17.60 18.40
N PHE A 281 7.32 -18.78 18.19
CA PHE A 281 6.14 -18.94 17.37
C PHE A 281 5.08 -19.83 17.98
N MET A 282 3.81 -19.45 17.78
CA MET A 282 2.66 -20.29 18.04
C MET A 282 2.12 -20.64 16.65
N LEU A 283 2.24 -21.90 16.27
CA LEU A 283 1.75 -22.40 14.99
C LEU A 283 0.53 -23.29 15.25
N MET A 284 -0.29 -23.45 14.22
CA MET A 284 -1.44 -24.34 14.35
C MET A 284 -1.77 -25.00 13.04
N THR A 285 -2.27 -26.21 13.13
CA THR A 285 -2.78 -26.90 11.94
C THR A 285 -4.12 -26.21 11.61
N LEU A 286 -4.58 -26.41 10.41
CA LEU A 286 -5.79 -25.78 9.95
C LEU A 286 -7.01 -26.61 10.32
N PRO A 287 -8.08 -25.98 10.87
CA PRO A 287 -9.31 -26.75 11.10
C PRO A 287 -9.91 -27.11 9.74
N ASP A 288 -10.64 -28.22 9.69
CA ASP A 288 -11.28 -28.60 8.43
C ASP A 288 -12.51 -27.69 8.24
N ALA A 289 -12.31 -26.60 7.49
CA ALA A 289 -13.34 -25.61 7.17
C ALA A 289 -14.55 -26.24 6.45
N THR A 290 -14.38 -27.43 5.83
CA THR A 290 -15.51 -28.10 5.16
C THR A 290 -16.56 -28.59 6.16
N LYS A 291 -16.23 -28.55 7.46
CA LYS A 291 -17.17 -28.92 8.49
C LYS A 291 -17.99 -27.69 8.95
N ALA A 292 -17.67 -26.50 8.40
CA ALA A 292 -18.42 -25.28 8.72
C ALA A 292 -19.75 -25.25 7.94
N PRO A 293 -20.76 -24.50 8.43
CA PRO A 293 -22.06 -24.45 7.74
C PRO A 293 -22.02 -24.02 6.27
N GLN A 294 -21.04 -23.19 5.88
CA GLN A 294 -21.03 -22.76 4.48
C GLN A 294 -20.96 -23.91 3.50
N PHE A 295 -20.35 -25.04 3.91
CA PHE A 295 -20.22 -26.19 3.00
C PHE A 295 -21.49 -27.04 2.88
N LYS A 296 -22.58 -26.66 3.59
CA LYS A 296 -23.88 -27.29 3.37
C LYS A 296 -24.27 -26.96 1.91
N TYR A 297 -23.78 -25.80 1.41
CA TYR A 297 -24.13 -25.25 0.09
C TYR A 297 -23.10 -25.54 -0.99
N SER A 298 -22.09 -26.37 -0.69
CA SER A 298 -21.07 -26.78 -1.65
C SER A 298 -21.31 -28.23 -2.06
N THR A 299 -20.77 -28.63 -3.20
CA THR A 299 -20.89 -30.00 -3.66
C THR A 299 -19.92 -30.89 -2.87
N GLN A 300 -20.22 -32.21 -2.83
CA GLN A 300 -19.37 -33.19 -2.17
C GLN A 300 -17.97 -33.22 -2.82
N GLU A 301 -17.89 -33.07 -4.15
CA GLU A 301 -16.59 -33.06 -4.87
C GLU A 301 -15.72 -31.86 -4.38
N GLU A 302 -16.33 -30.67 -4.21
CA GLU A 302 -15.65 -29.47 -3.71
C GLU A 302 -15.17 -29.69 -2.28
N ILE A 303 -16.03 -30.31 -1.45
CA ILE A 303 -15.70 -30.60 -0.04
C ILE A 303 -14.49 -31.55 0.00
N GLU A 304 -14.55 -32.63 -0.77
CA GLU A 304 -13.46 -33.61 -0.76
C GLU A 304 -12.13 -33.00 -1.23
N THR A 305 -12.18 -32.12 -2.24
CA THR A 305 -10.97 -31.43 -2.77
C THR A 305 -10.35 -30.57 -1.67
N ILE A 306 -11.14 -29.69 -1.05
CA ILE A 306 -10.66 -28.78 -0.01
C ILE A 306 -10.12 -29.56 1.19
N ARG A 307 -10.87 -30.58 1.66
CA ARG A 307 -10.48 -31.42 2.80
C ARG A 307 -9.11 -32.07 2.55
N ALA A 308 -8.91 -32.67 1.34
CA ALA A 308 -7.66 -33.33 0.98
C ALA A 308 -6.49 -32.34 1.04
N LYS A 309 -6.71 -31.08 0.57
CA LYS A 309 -5.69 -30.02 0.58
C LYS A 309 -5.35 -29.63 2.03
N VAL A 310 -6.36 -29.51 2.89
CA VAL A 310 -6.19 -29.21 4.30
C VAL A 310 -5.33 -30.30 4.99
N LEU A 311 -5.61 -31.58 4.74
CA LEU A 311 -4.87 -32.66 5.39
C LEU A 311 -3.39 -32.65 4.96
N LYS A 312 -3.15 -32.39 3.68
CA LYS A 312 -1.78 -32.32 3.14
C LYS A 312 -1.03 -31.16 3.76
N MET A 313 -1.67 -30.00 3.82
CA MET A 313 -1.08 -28.80 4.42
C MET A 313 -0.74 -29.01 5.90
N ASN A 314 -1.62 -29.69 6.64
CA ASN A 314 -1.42 -29.95 8.08
C ASN A 314 -0.21 -30.82 8.36
N GLU A 315 0.05 -31.83 7.52
CA GLU A 315 1.25 -32.65 7.67
C GLU A 315 2.49 -31.76 7.44
N PHE A 316 2.42 -30.84 6.47
CA PHE A 316 3.52 -29.90 6.16
C PHE A 316 3.74 -28.94 7.35
N ILE A 317 2.64 -28.44 7.95
CA ILE A 317 2.75 -27.52 9.10
C ILE A 317 3.47 -28.23 10.24
N LYS A 318 3.09 -29.50 10.50
CA LYS A 318 3.75 -30.30 11.54
C LYS A 318 5.26 -30.46 11.23
N ALA A 319 5.61 -30.72 9.95
CA ALA A 319 7.00 -30.86 9.54
C ALA A 319 7.77 -29.53 9.74
N GLN A 320 7.15 -28.40 9.38
CA GLN A 320 7.77 -27.08 9.56
C GLN A 320 8.03 -26.77 11.05
N ALA A 321 7.07 -27.10 11.92
CA ALA A 321 7.23 -26.88 13.37
C ALA A 321 8.46 -27.69 13.88
N MET A 322 8.59 -28.94 13.42
CA MET A 322 9.70 -29.85 13.77
C MET A 322 11.03 -29.28 13.27
N TYR A 323 11.03 -28.79 12.01
CA TYR A 323 12.21 -28.20 11.36
C TYR A 323 12.78 -27.04 12.20
N TYR A 324 11.90 -26.11 12.62
CA TYR A 324 12.35 -24.96 13.42
C TYR A 324 12.70 -25.36 14.84
N LYS A 325 11.93 -26.30 15.46
CA LYS A 325 12.25 -26.81 16.80
C LYS A 325 13.68 -27.44 16.77
N ALA A 326 13.99 -28.22 15.72
CA ALA A 326 15.32 -28.85 15.56
C ALA A 326 16.46 -27.82 15.55
N GLN A 327 16.19 -26.58 15.10
CA GLN A 327 17.23 -25.54 15.01
C GLN A 327 17.33 -24.69 16.27
N GLY A 328 16.53 -25.03 17.28
CA GLY A 328 16.61 -24.30 18.53
C GLY A 328 15.62 -23.16 18.65
N TYR A 329 14.68 -23.03 17.70
CA TYR A 329 13.63 -22.02 17.84
C TYR A 329 12.59 -22.50 18.85
N ASN A 330 11.85 -21.56 19.45
CA ASN A 330 10.79 -21.90 20.43
C ASN A 330 9.49 -21.98 19.68
N ILE A 331 9.01 -23.19 19.46
CA ILE A 331 7.83 -23.44 18.68
C ILE A 331 6.77 -24.12 19.54
N ALA A 332 5.56 -23.57 19.51
CA ALA A 332 4.41 -24.19 20.19
C ALA A 332 3.48 -24.53 19.04
N LEU A 333 3.28 -25.82 18.79
CA LEU A 333 2.37 -26.23 17.75
C LEU A 333 1.11 -26.77 18.41
N PHE A 334 -0.06 -26.27 17.97
CA PHE A 334 -1.31 -26.79 18.49
C PHE A 334 -2.09 -27.42 17.35
N ASP A 335 -2.65 -28.62 17.59
CA ASP A 335 -3.41 -29.31 16.55
C ASP A 335 -4.87 -28.87 16.55
N THR A 336 -5.14 -27.68 15.96
CA THR A 336 -6.48 -27.10 15.84
C THR A 336 -7.34 -28.04 15.00
N HIS A 337 -6.74 -28.67 13.96
CA HIS A 337 -7.49 -29.63 13.15
C HIS A 337 -8.11 -30.72 14.03
N ALA A 338 -7.30 -31.40 14.88
CA ALA A 338 -7.80 -32.46 15.77
C ALA A 338 -8.89 -31.94 16.72
N LEU A 339 -8.68 -30.72 17.27
CA LEU A 339 -9.67 -30.11 18.17
C LEU A 339 -11.01 -29.86 17.46
N PHE A 340 -10.99 -29.30 16.22
CA PHE A 340 -12.23 -29.06 15.49
C PHE A 340 -12.95 -30.32 15.09
N GLU A 341 -12.19 -31.43 14.85
CA GLU A 341 -12.84 -32.71 14.54
C GLU A 341 -13.68 -33.17 15.73
N LYS A 342 -13.16 -32.95 16.95
CA LYS A 342 -13.87 -33.31 18.19
C LYS A 342 -15.08 -32.41 18.40
N LEU A 343 -14.90 -31.09 18.26
CA LEU A 343 -15.97 -30.10 18.43
C LEU A 343 -17.13 -30.31 17.47
N THR A 344 -16.84 -30.65 16.21
CA THR A 344 -17.89 -30.82 15.21
C THR A 344 -18.54 -32.19 15.28
N SER A 345 -17.85 -33.19 15.88
CA SER A 345 -18.43 -34.54 16.01
C SER A 345 -19.12 -34.75 17.34
N ALA A 346 -18.64 -34.11 18.42
CA ALA A 346 -19.29 -34.29 19.72
C ALA A 346 -19.30 -32.98 20.46
N PRO A 347 -20.07 -31.95 19.96
CA PRO A 347 -20.05 -30.65 20.62
C PRO A 347 -20.41 -30.69 22.09
N GLU A 348 -21.34 -31.62 22.52
CA GLU A 348 -21.77 -31.75 23.92
C GLU A 348 -20.62 -32.09 24.88
N GLU A 349 -19.62 -32.80 24.39
CA GLU A 349 -18.45 -33.18 25.18
C GLU A 349 -17.56 -31.94 25.47
N HIS A 350 -17.82 -30.82 24.79
CA HIS A 350 -17.00 -29.64 24.93
C HIS A 350 -17.79 -28.41 25.46
N GLY A 351 -19.03 -28.63 25.89
CA GLY A 351 -19.89 -27.56 26.40
C GLY A 351 -20.65 -26.77 25.34
N PHE A 352 -20.78 -27.33 24.12
CA PHE A 352 -21.55 -26.69 23.04
C PHE A 352 -22.81 -27.51 22.72
N VAL A 353 -23.89 -26.84 22.29
CA VAL A 353 -25.14 -27.53 21.94
C VAL A 353 -25.27 -27.74 20.43
N ASN A 354 -24.58 -26.89 19.62
CA ASN A 354 -24.72 -26.95 18.17
C ASN A 354 -23.42 -26.66 17.49
N ALA A 355 -23.00 -27.57 16.63
CA ALA A 355 -21.79 -27.38 15.82
C ALA A 355 -22.16 -27.44 14.34
N SER A 356 -23.46 -27.44 14.00
CA SER A 356 -23.86 -27.61 12.59
C SER A 356 -24.43 -26.35 11.92
N ASP A 357 -24.91 -25.40 12.70
CA ASP A 357 -25.54 -24.19 12.16
C ASP A 357 -24.86 -22.94 12.65
N PRO A 358 -24.92 -21.85 11.86
CA PRO A 358 -24.40 -20.57 12.38
C PRO A 358 -25.32 -20.08 13.49
N CYS A 359 -24.79 -19.28 14.41
CA CYS A 359 -25.63 -18.65 15.40
C CYS A 359 -26.53 -17.60 14.66
N LEU A 360 -25.92 -16.85 13.71
CA LEU A 360 -26.69 -15.89 12.91
C LEU A 360 -27.59 -16.63 11.94
N ASP A 361 -28.76 -16.04 11.64
CA ASP A 361 -29.73 -16.65 10.74
C ASP A 361 -29.35 -16.43 9.27
N ILE A 362 -28.21 -16.99 8.88
CA ILE A 362 -27.70 -16.92 7.53
C ILE A 362 -27.81 -18.35 7.01
N ASN A 363 -28.54 -18.51 5.89
CA ASN A 363 -28.89 -19.80 5.32
C ASN A 363 -28.45 -19.99 3.88
N ARG A 364 -27.23 -19.53 3.56
CA ARG A 364 -26.59 -19.58 2.25
C ARG A 364 -25.14 -19.17 2.41
N SER A 365 -24.33 -19.30 1.34
CA SER A 365 -22.95 -18.82 1.39
C SER A 365 -22.79 -17.70 0.35
N SER A 366 -22.76 -16.44 0.80
CA SER A 366 -22.62 -15.27 -0.08
C SER A 366 -21.81 -14.22 0.67
N SER A 367 -20.75 -13.71 0.05
CA SER A 367 -19.89 -12.69 0.68
C SER A 367 -20.68 -11.41 0.95
N VAL A 368 -21.79 -11.22 0.21
CA VAL A 368 -22.67 -10.06 0.36
C VAL A 368 -23.27 -9.98 1.78
N ASP A 369 -23.49 -11.14 2.41
CA ASP A 369 -24.07 -11.18 3.76
C ASP A 369 -23.19 -10.45 4.79
N TYR A 370 -21.89 -10.35 4.54
CA TYR A 370 -21.02 -9.61 5.50
C TYR A 370 -21.32 -8.10 5.55
N MET A 371 -22.08 -7.60 4.59
CA MET A 371 -22.41 -6.17 4.53
C MET A 371 -23.68 -5.80 5.31
N TYR A 372 -24.45 -6.80 5.74
CA TYR A 372 -25.75 -6.58 6.35
C TYR A 372 -25.91 -7.04 7.78
N THR A 373 -26.98 -6.56 8.44
CA THR A 373 -27.31 -6.96 9.81
C THR A 373 -28.15 -8.23 9.73
N HIS A 374 -27.93 -9.18 10.64
CA HIS A 374 -28.68 -10.44 10.67
C HIS A 374 -29.18 -10.72 12.07
N SER A 375 -30.38 -11.31 12.17
CA SER A 375 -30.89 -11.71 13.48
C SER A 375 -30.22 -13.04 13.86
N LEU A 376 -30.25 -13.41 15.14
CA LEU A 376 -29.77 -14.76 15.53
C LEU A 376 -30.88 -15.74 15.14
N ARG A 377 -30.52 -16.98 14.80
CA ARG A 377 -31.54 -17.98 14.54
C ARG A 377 -32.12 -18.38 15.90
N SER A 378 -33.38 -18.87 15.91
CA SER A 378 -34.12 -19.23 17.13
C SER A 378 -33.32 -20.08 18.10
N GLU A 379 -32.65 -21.16 17.59
CA GLU A 379 -31.87 -22.06 18.45
C GLU A 379 -30.75 -21.33 19.17
N CYS A 380 -30.10 -20.40 18.46
CA CYS A 380 -29.01 -19.67 19.11
C CYS A 380 -29.51 -18.62 20.09
N ALA A 381 -30.62 -17.92 19.74
CA ALA A 381 -31.23 -16.95 20.66
C ALA A 381 -31.64 -17.69 21.97
N ALA A 382 -32.08 -18.96 21.87
CA ALA A 382 -32.50 -19.78 23.00
C ALA A 382 -31.33 -20.31 23.84
N SER A 383 -30.25 -20.81 23.20
CA SER A 383 -29.11 -21.38 23.93
C SER A 383 -28.09 -20.35 24.39
N GLY A 384 -27.94 -19.29 23.61
CA GLY A 384 -26.90 -18.28 23.80
C GLY A 384 -25.77 -18.62 22.84
N ALA A 385 -25.10 -17.62 22.32
CA ALA A 385 -23.98 -17.76 21.38
C ALA A 385 -22.79 -18.48 22.00
N ASP A 386 -22.70 -18.51 23.34
CA ASP A 386 -21.60 -19.23 24.01
C ASP A 386 -21.73 -20.75 23.83
N LYS A 387 -22.91 -21.24 23.35
CA LYS A 387 -23.17 -22.67 23.17
C LYS A 387 -23.14 -23.11 21.69
N PHE A 388 -22.80 -22.19 20.77
CA PHE A 388 -22.67 -22.52 19.35
C PHE A 388 -21.21 -22.49 18.98
N VAL A 389 -20.79 -23.45 18.16
CA VAL A 389 -19.40 -23.46 17.68
C VAL A 389 -19.20 -22.32 16.67
N PHE A 390 -20.16 -22.15 15.76
CA PHE A 390 -20.06 -21.17 14.66
C PHE A 390 -20.93 -19.95 14.82
N TRP A 391 -20.36 -18.78 14.48
CA TRP A 391 -21.08 -17.51 14.55
C TRP A 391 -21.81 -17.25 13.26
N ASP A 392 -21.11 -17.38 12.16
CA ASP A 392 -21.71 -17.17 10.85
C ASP A 392 -21.50 -18.47 10.06
N VAL A 393 -21.58 -18.46 8.71
CA VAL A 393 -21.44 -19.75 7.99
C VAL A 393 -20.00 -20.28 7.94
N THR A 394 -19.01 -19.46 8.35
CA THR A 394 -17.61 -19.87 8.25
C THR A 394 -16.85 -19.81 9.59
N HIS A 395 -17.05 -18.72 10.31
CA HIS A 395 -16.23 -18.39 11.46
C HIS A 395 -16.74 -18.89 12.81
N PRO A 396 -15.80 -19.22 13.70
CA PRO A 396 -16.20 -19.64 15.04
C PRO A 396 -16.74 -18.46 15.84
N THR A 397 -17.55 -18.78 16.86
CA THR A 397 -18.02 -17.83 17.84
C THR A 397 -16.81 -17.50 18.72
N THR A 398 -16.96 -16.46 19.55
CA THR A 398 -15.87 -16.07 20.45
C THR A 398 -15.67 -17.15 21.52
N ALA A 399 -16.74 -17.91 21.88
CA ALA A 399 -16.61 -19.00 22.87
C ALA A 399 -15.70 -20.08 22.28
N THR A 400 -15.82 -20.38 20.95
CA THR A 400 -14.92 -21.36 20.30
C THR A 400 -13.49 -20.78 20.25
N HIS A 401 -13.35 -19.50 19.86
CA HIS A 401 -12.01 -18.84 19.87
C HIS A 401 -11.33 -18.93 21.26
N ARG A 402 -12.11 -18.72 22.33
CA ARG A 402 -11.57 -18.78 23.71
C ARG A 402 -11.14 -20.20 24.03
N TYR A 403 -11.98 -21.16 23.63
CA TYR A 403 -11.70 -22.59 23.86
C TYR A 403 -10.39 -23.00 23.19
N VAL A 404 -10.21 -22.61 21.93
CA VAL A 404 -8.99 -22.84 21.16
C VAL A 404 -7.79 -22.15 21.86
N ALA A 405 -7.91 -20.84 22.19
CA ALA A 405 -6.83 -20.10 22.88
C ALA A 405 -6.40 -20.85 24.16
N GLU A 406 -7.37 -21.30 24.98
CA GLU A 406 -7.10 -21.96 26.26
C GLU A 406 -6.34 -23.28 26.06
N LYS A 407 -6.69 -24.04 25.03
CA LYS A 407 -6.01 -25.29 24.69
C LYS A 407 -4.62 -25.00 24.18
N MET A 408 -4.43 -23.87 23.50
CA MET A 408 -3.12 -23.48 23.00
C MET A 408 -2.19 -23.04 24.12
N LEU A 409 -2.75 -22.31 25.09
CA LEU A 409 -2.01 -21.86 26.26
C LEU A 409 -1.51 -23.05 27.11
N GLU A 410 -2.35 -24.11 27.22
CA GLU A 410 -2.03 -25.34 27.96
C GLU A 410 -0.86 -26.08 27.35
N SER A 411 -0.86 -26.17 26.00
CA SER A 411 0.11 -26.92 25.20
C SER A 411 1.58 -26.57 25.48
N SER A 412 2.49 -27.54 25.17
CA SER A 412 3.95 -27.49 25.37
C SER A 412 4.33 -27.14 26.83
N ASN A 413 3.64 -27.78 27.81
CA ASN A 413 3.80 -27.60 29.25
C ASN A 413 3.60 -26.14 29.65
N ASN A 414 2.35 -25.62 29.50
CA ASN A 414 2.03 -24.21 29.79
C ASN A 414 3.05 -23.31 29.07
N LEU A 415 3.42 -23.69 27.82
CA LEU A 415 4.41 -23.00 26.96
C LEU A 415 5.78 -22.84 27.68
N GLU A 416 6.38 -23.98 28.10
CA GLU A 416 7.64 -24.10 28.86
C GLU A 416 8.90 -23.58 28.13
N GLU A 417 8.89 -23.53 26.78
CA GLU A 417 10.06 -23.04 26.05
C GLU A 417 10.04 -21.51 25.90
N PHE A 418 8.85 -20.89 26.05
CA PHE A 418 8.72 -19.44 25.99
C PHE A 418 9.02 -18.81 27.34
N ARG A 419 9.73 -17.68 27.32
CA ARG A 419 10.02 -16.95 28.54
C ARG A 419 9.09 -15.76 28.56
N PHE A 420 8.06 -15.80 29.44
CA PHE A 420 7.13 -14.70 29.67
C PHE A 420 7.52 -14.04 30.98
N SER B 33 27.63 27.62 -23.68
CA SER B 33 29.02 27.97 -23.41
C SER B 33 29.27 28.16 -21.91
N ALA B 34 30.54 28.02 -21.48
CA ALA B 34 30.97 28.20 -20.09
C ALA B 34 30.60 29.59 -19.57
N ALA B 35 30.90 30.65 -20.37
CA ALA B 35 30.59 32.06 -20.05
C ALA B 35 29.07 32.29 -19.83
N GLU B 36 28.21 31.65 -20.65
CA GLU B 36 26.74 31.76 -20.57
C GLU B 36 26.19 31.09 -19.30
N VAL B 37 26.90 30.06 -18.81
CA VAL B 37 26.55 29.29 -17.60
C VAL B 37 26.80 30.15 -16.35
N VAL B 38 28.01 30.70 -16.21
CA VAL B 38 28.37 31.55 -15.06
C VAL B 38 27.48 32.81 -15.00
N SER B 39 27.09 33.36 -16.19
CA SER B 39 26.25 34.55 -16.35
C SER B 39 24.82 34.27 -15.85
N ALA B 40 24.31 33.07 -16.12
CA ALA B 40 22.98 32.67 -15.67
C ALA B 40 23.00 32.36 -14.18
N GLN B 41 24.05 31.69 -13.68
CA GLN B 41 24.18 31.31 -12.27
C GLN B 41 24.26 32.50 -11.34
N GLU B 42 24.97 33.55 -11.77
CA GLU B 42 25.19 34.79 -11.03
C GLU B 42 23.95 35.68 -10.96
N ASN B 43 22.96 35.45 -11.84
CA ASN B 43 21.73 36.25 -11.86
C ASN B 43 20.80 35.79 -10.72
N GLN B 44 21.24 35.99 -9.46
CA GLN B 44 20.52 35.60 -8.26
C GLN B 44 19.30 36.46 -7.98
N THR B 45 18.19 35.79 -7.63
CA THR B 45 16.89 36.40 -7.34
C THR B 45 16.17 35.52 -6.32
N TYR B 46 14.87 35.77 -6.11
CA TYR B 46 14.04 34.92 -5.29
C TYR B 46 12.75 34.67 -6.02
N THR B 47 12.01 33.66 -5.57
CA THR B 47 10.67 33.36 -6.08
C THR B 47 9.84 32.79 -4.94
N TYR B 48 8.55 32.57 -5.21
CA TYR B 48 7.61 32.01 -4.24
C TYR B 48 7.36 30.57 -4.58
N VAL B 49 6.69 29.85 -3.68
CA VAL B 49 6.41 28.43 -3.87
C VAL B 49 4.90 28.21 -3.84
N ARG B 50 4.38 27.61 -4.91
CA ARG B 50 2.97 27.27 -5.05
C ARG B 50 2.84 25.83 -4.57
N CYS B 51 2.02 25.59 -3.52
CA CYS B 51 1.79 24.28 -2.92
C CYS B 51 0.49 23.74 -3.40
N TRP B 52 0.53 22.69 -4.22
CA TRP B 52 -0.71 22.08 -4.71
C TRP B 52 -1.09 20.91 -3.85
N TYR B 53 -2.39 20.63 -3.76
CA TYR B 53 -2.86 19.44 -3.03
C TYR B 53 -4.17 18.91 -3.59
N ARG B 54 -4.42 17.63 -3.40
CA ARG B 54 -5.70 17.00 -3.74
C ARG B 54 -6.70 17.55 -2.71
N THR B 55 -7.83 18.09 -3.18
CA THR B 55 -8.78 18.67 -2.23
C THR B 55 -9.56 17.62 -1.46
N SER B 56 -9.90 16.52 -2.12
CA SER B 56 -10.65 15.43 -1.49
C SER B 56 -9.76 14.51 -0.71
N HIS B 57 -10.35 13.82 0.28
CA HIS B 57 -9.64 12.77 1.01
C HIS B 57 -9.64 11.45 0.20
N SER B 58 -10.40 11.39 -0.90
CA SER B 58 -10.47 10.19 -1.72
C SER B 58 -9.71 10.36 -3.03
N LYS B 59 -8.94 9.33 -3.43
CA LYS B 59 -8.24 9.39 -4.72
C LYS B 59 -9.21 9.16 -5.91
N ASP B 60 -10.51 8.97 -5.64
CA ASP B 60 -11.50 8.91 -6.73
C ASP B 60 -11.68 10.32 -7.31
N ASP B 61 -11.29 11.35 -6.54
CA ASP B 61 -11.49 12.74 -6.95
C ASP B 61 -10.14 13.34 -7.30
N ALA B 62 -9.94 13.65 -8.59
CA ALA B 62 -8.65 14.19 -9.06
C ALA B 62 -8.43 15.68 -8.80
N ALA B 63 -9.48 16.42 -8.39
CA ALA B 63 -9.41 17.89 -8.19
C ALA B 63 -8.33 18.33 -7.22
N THR B 64 -7.67 19.43 -7.58
CA THR B 64 -6.61 20.01 -6.75
C THR B 64 -6.83 21.49 -6.53
N ASP B 65 -6.07 22.08 -5.60
CA ASP B 65 -6.10 23.51 -5.33
C ASP B 65 -4.72 23.85 -4.86
N TRP B 66 -4.41 25.14 -4.67
CA TRP B 66 -3.06 25.54 -4.24
C TRP B 66 -3.10 26.68 -3.23
N LYS B 67 -2.00 26.85 -2.50
CA LYS B 67 -1.77 27.97 -1.58
C LYS B 67 -0.30 28.32 -1.69
N TRP B 68 0.04 29.57 -1.38
CA TRP B 68 1.46 29.96 -1.36
C TRP B 68 2.06 29.38 -0.11
N ALA B 69 3.29 28.83 -0.21
CA ALA B 69 3.99 28.31 0.97
C ALA B 69 4.21 29.49 1.93
N LYS B 70 4.13 29.23 3.22
CA LYS B 70 4.39 30.28 4.23
C LYS B 70 5.41 29.79 5.23
N ASN B 71 6.06 30.76 5.93
CA ASN B 71 6.97 30.49 7.03
C ASN B 71 6.05 30.31 8.26
N GLN B 72 6.57 29.80 9.39
CA GLN B 72 5.77 29.60 10.60
C GLN B 72 5.04 30.85 11.10
N ASP B 73 5.64 32.05 10.91
CA ASP B 73 5.06 33.33 11.32
C ASP B 73 3.94 33.84 10.40
N GLY B 74 3.67 33.13 9.31
CA GLY B 74 2.62 33.49 8.36
C GLY B 74 3.09 34.32 7.18
N SER B 75 4.37 34.74 7.17
CA SER B 75 4.93 35.50 6.05
C SER B 75 5.12 34.55 4.86
N ASP B 76 5.14 35.09 3.64
CA ASP B 76 5.33 34.25 2.46
C ASP B 76 6.73 33.64 2.45
N PHE B 77 6.80 32.34 2.11
CA PHE B 77 8.05 31.61 2.01
C PHE B 77 8.66 31.90 0.64
N THR B 78 9.94 32.24 0.62
CA THR B 78 10.63 32.49 -0.64
C THR B 78 11.87 31.63 -0.69
N ILE B 79 12.33 31.32 -1.89
CA ILE B 79 13.57 30.58 -2.10
C ILE B 79 14.48 31.44 -2.96
N ASP B 80 15.78 31.45 -2.65
CA ASP B 80 16.78 32.19 -3.43
C ASP B 80 17.36 31.31 -4.53
N GLY B 81 17.73 31.93 -5.64
CA GLY B 81 18.33 31.21 -6.73
C GLY B 81 18.29 31.92 -8.05
N TYR B 82 18.37 31.15 -9.13
CA TYR B 82 18.42 31.71 -10.48
C TYR B 82 17.54 30.94 -11.41
N TRP B 83 17.02 31.63 -12.44
CA TRP B 83 16.19 31.01 -13.48
C TRP B 83 17.07 30.68 -14.67
N TRP B 84 16.68 29.66 -15.45
CA TRP B 84 17.35 29.28 -16.70
C TRP B 84 17.32 30.52 -17.63
N SER B 85 16.15 31.16 -17.74
CA SER B 85 15.92 32.35 -18.55
C SER B 85 15.15 33.38 -17.75
N SER B 86 15.40 34.67 -18.00
CA SER B 86 14.70 35.75 -17.29
C SER B 86 13.36 36.12 -17.94
N VAL B 87 13.06 35.56 -19.13
CA VAL B 87 11.85 35.89 -19.89
C VAL B 87 10.98 34.68 -20.32
N SER B 88 11.58 33.55 -20.72
CA SER B 88 10.88 32.40 -21.28
C SER B 88 9.90 31.69 -20.35
N PHE B 89 8.81 31.18 -20.94
CA PHE B 89 7.82 30.41 -20.19
C PHE B 89 8.29 28.98 -19.93
N LYS B 90 9.24 28.48 -20.76
CA LYS B 90 9.89 27.15 -20.63
C LYS B 90 11.06 27.45 -19.71
N ASN B 91 10.94 27.06 -18.44
CA ASN B 91 11.97 27.46 -17.48
C ASN B 91 12.16 26.44 -16.35
N MET B 92 13.07 26.78 -15.44
CA MET B 92 13.42 26.03 -14.23
C MET B 92 14.08 26.99 -13.25
N PHE B 93 13.79 26.82 -11.95
CA PHE B 93 14.38 27.65 -10.92
C PHE B 93 15.39 26.79 -10.16
N TYR B 94 16.63 27.28 -10.03
CA TYR B 94 17.71 26.54 -9.37
C TYR B 94 17.98 27.15 -8.00
N THR B 95 17.86 26.35 -6.97
CA THR B 95 18.03 26.83 -5.59
C THR B 95 18.95 25.96 -4.78
N ASN B 96 19.56 26.58 -3.77
CA ASN B 96 20.38 25.85 -2.83
C ASN B 96 19.49 25.15 -1.79
N THR B 97 18.23 25.64 -1.61
CA THR B 97 17.26 25.05 -0.68
C THR B 97 16.90 23.64 -1.12
N SER B 98 16.96 22.68 -0.17
CA SER B 98 16.65 21.29 -0.46
C SER B 98 15.15 21.08 -0.70
N GLN B 99 14.82 20.03 -1.44
CA GLN B 99 13.44 19.65 -1.75
C GLN B 99 12.66 19.35 -0.49
N ASN B 100 13.32 18.67 0.48
CA ASN B 100 12.68 18.30 1.74
C ASN B 100 12.25 19.50 2.58
N VAL B 101 13.05 20.59 2.57
CA VAL B 101 12.73 21.83 3.30
C VAL B 101 11.49 22.47 2.65
N ILE B 102 11.47 22.54 1.30
CA ILE B 102 10.34 23.10 0.56
C ILE B 102 9.07 22.27 0.80
N ARG B 103 9.17 20.93 0.70
CA ARG B 103 8.04 20.03 0.95
C ARG B 103 7.47 20.26 2.35
N GLN B 104 8.34 20.35 3.37
CA GLN B 104 7.96 20.60 4.77
C GLN B 104 7.22 21.93 4.89
N ARG B 105 7.67 23.01 4.20
CA ARG B 105 6.97 24.30 4.25
C ARG B 105 5.57 24.14 3.69
N CYS B 106 5.43 23.41 2.55
CA CYS B 106 4.09 23.17 2.00
C CYS B 106 3.20 22.39 2.95
N GLU B 107 3.73 21.32 3.54
CA GLU B 107 2.96 20.47 4.47
C GLU B 107 2.48 21.27 5.66
N GLU B 108 3.36 22.10 6.25
CA GLU B 108 3.01 22.94 7.41
C GLU B 108 2.05 24.05 7.05
N THR B 109 2.17 24.64 5.85
CA THR B 109 1.26 25.70 5.40
C THR B 109 -0.14 25.14 5.18
N LEU B 110 -0.22 24.03 4.49
CA LEU B 110 -1.52 23.43 4.16
C LEU B 110 -2.26 22.88 5.38
N ASP B 111 -1.53 22.28 6.34
CA ASP B 111 -2.05 21.75 7.61
C ASP B 111 -3.33 20.97 7.38
N LEU B 112 -3.24 20.00 6.46
CA LEU B 112 -4.35 19.16 6.04
C LEU B 112 -4.33 17.89 6.87
N ALA B 113 -5.49 17.31 7.15
CA ALA B 113 -5.57 16.02 7.84
C ALA B 113 -5.71 14.92 6.75
N ASN B 114 -5.49 15.31 5.49
CA ASN B 114 -5.66 14.47 4.31
C ASN B 114 -4.42 13.63 3.97
N GLU B 115 -4.46 12.30 4.23
CA GLU B 115 -3.39 11.35 3.87
C GLU B 115 -3.25 11.19 2.36
N ASN B 116 -4.28 11.60 1.59
CA ASN B 116 -4.23 11.58 0.13
C ASN B 116 -3.95 12.98 -0.47
N ALA B 117 -3.44 13.93 0.34
CA ALA B 117 -3.14 15.30 -0.11
C ALA B 117 -2.26 15.28 -1.34
N ASP B 118 -1.31 14.31 -1.44
CA ASP B 118 -0.42 14.13 -2.62
C ASP B 118 0.15 15.45 -3.08
N ILE B 119 0.78 16.15 -2.13
CA ILE B 119 1.31 17.47 -2.33
C ILE B 119 2.42 17.52 -3.37
N THR B 120 2.36 18.53 -4.25
CA THR B 120 3.41 18.85 -5.20
C THR B 120 3.66 20.33 -5.10
N PHE B 121 4.82 20.81 -5.56
CA PHE B 121 5.12 22.23 -5.45
C PHE B 121 5.95 22.69 -6.59
N PHE B 122 5.87 23.99 -6.87
CA PHE B 122 6.57 24.62 -7.99
C PHE B 122 6.99 26.02 -7.63
N ALA B 123 7.92 26.58 -8.44
CA ALA B 123 8.33 27.97 -8.30
C ALA B 123 7.36 28.81 -9.12
N ALA B 124 6.95 29.95 -8.56
CA ALA B 124 6.03 30.87 -9.22
C ALA B 124 6.24 32.25 -8.66
N ASP B 125 6.33 33.25 -9.53
CA ASP B 125 6.48 34.64 -9.07
C ASP B 125 5.14 35.20 -8.61
N ASN B 126 4.03 34.77 -9.24
CA ASN B 126 2.69 35.27 -8.94
C ASN B 126 1.63 34.30 -9.41
N ARG B 127 0.35 34.65 -9.22
CA ARG B 127 -0.75 33.75 -9.59
C ARG B 127 -0.81 33.41 -11.08
N TYR B 128 -0.22 34.21 -11.96
CA TYR B 128 -0.24 33.92 -13.39
C TYR B 128 0.89 33.01 -13.88
N SER B 129 1.92 32.79 -13.06
CA SER B 129 3.07 31.97 -13.49
C SER B 129 2.66 30.52 -13.78
N TYR B 130 3.40 29.88 -14.69
CA TYR B 130 3.21 28.46 -14.96
C TYR B 130 3.78 27.74 -13.74
N ASN B 131 3.61 26.43 -13.67
CA ASN B 131 4.16 25.59 -12.62
C ASN B 131 5.61 25.29 -12.99
N HIS B 132 6.56 26.08 -12.50
CA HIS B 132 7.97 25.85 -12.85
C HIS B 132 8.62 24.85 -11.91
N THR B 133 9.36 23.88 -12.44
CA THR B 133 10.09 22.93 -11.62
C THR B 133 11.19 23.65 -10.83
N ILE B 134 11.38 23.25 -9.57
CA ILE B 134 12.44 23.74 -8.72
C ILE B 134 13.54 22.69 -8.70
N TRP B 135 14.75 23.06 -9.15
CA TRP B 135 15.92 22.17 -9.14
C TRP B 135 16.73 22.53 -7.90
N SER B 136 16.90 21.57 -6.98
CA SER B 136 17.70 21.81 -5.76
C SER B 136 19.14 21.43 -6.10
N ASN B 137 20.03 22.42 -6.17
CA ASN B 137 21.43 22.19 -6.51
C ASN B 137 22.11 21.27 -5.51
N ASP B 138 22.95 20.36 -6.01
CA ASP B 138 23.68 19.42 -5.17
C ASP B 138 24.80 20.15 -4.46
N ALA B 139 25.19 19.59 -3.31
CA ALA B 139 26.31 20.08 -2.51
C ALA B 139 27.59 19.64 -3.18
N ALA B 140 28.70 20.33 -2.88
CA ALA B 140 30.00 19.97 -3.43
C ALA B 140 30.44 18.62 -2.83
N MET B 141 30.09 18.39 -1.54
CA MET B 141 30.35 17.13 -0.86
C MET B 141 29.15 16.24 -1.17
N GLN B 142 29.31 15.38 -2.17
CA GLN B 142 28.25 14.47 -2.61
C GLN B 142 28.71 13.04 -2.45
N PRO B 143 28.01 12.19 -1.67
CA PRO B 143 28.47 10.80 -1.58
C PRO B 143 28.25 10.07 -2.89
N ASP B 144 28.94 8.96 -3.12
CA ASP B 144 28.81 8.19 -4.36
C ASP B 144 27.54 7.35 -4.27
N GLN B 145 26.38 7.99 -4.55
CA GLN B 145 25.09 7.35 -4.50
C GLN B 145 24.05 8.15 -5.26
N ILE B 146 23.07 7.44 -5.79
CA ILE B 146 21.96 8.07 -6.50
C ILE B 146 21.29 9.08 -5.57
N ASN B 147 21.14 10.33 -6.04
CA ASN B 147 20.55 11.39 -5.25
C ASN B 147 19.40 12.12 -5.94
N LYS B 148 18.95 11.62 -7.11
CA LYS B 148 17.81 12.20 -7.84
C LYS B 148 17.35 11.24 -8.91
N VAL B 149 16.14 11.47 -9.39
CA VAL B 149 15.54 10.73 -10.48
C VAL B 149 15.26 11.71 -11.60
N VAL B 150 15.64 11.35 -12.84
CA VAL B 150 15.37 12.15 -14.02
C VAL B 150 14.57 11.25 -14.93
N ALA B 151 13.33 11.68 -15.27
CA ALA B 151 12.44 10.85 -16.07
C ALA B 151 12.28 11.37 -17.48
N LEU B 152 12.24 10.42 -18.44
CA LEU B 152 12.05 10.74 -19.85
C LEU B 152 10.95 9.81 -20.35
N GLY B 153 10.11 10.33 -21.21
CA GLY B 153 9.07 9.48 -21.75
C GLY B 153 7.79 10.21 -22.11
N ASP B 154 6.67 9.53 -21.96
CA ASP B 154 5.38 9.99 -22.45
C ASP B 154 4.38 10.09 -21.27
N SER B 155 3.08 9.91 -21.53
CA SER B 155 2.05 10.04 -20.49
C SER B 155 2.06 8.93 -19.45
N LEU B 156 2.86 7.87 -19.63
CA LEU B 156 2.97 6.93 -18.50
C LEU B 156 3.85 7.58 -17.40
N SER B 157 4.60 8.65 -17.74
CA SER B 157 5.52 9.29 -16.77
C SER B 157 5.29 10.79 -16.56
N ASP B 158 4.64 11.48 -17.50
CA ASP B 158 4.50 12.95 -17.37
C ASP B 158 3.82 13.37 -16.06
N THR B 159 4.44 14.32 -15.33
CA THR B 159 3.91 14.87 -14.08
C THR B 159 3.44 16.31 -14.25
N GLY B 160 3.45 16.85 -15.47
CA GLY B 160 2.94 18.21 -15.67
C GLY B 160 3.39 19.03 -16.87
N ASN B 161 4.29 18.48 -17.73
CA ASN B 161 4.79 19.25 -18.88
C ASN B 161 3.74 19.63 -19.90
N ILE B 162 3.03 18.65 -20.49
CA ILE B 162 2.00 18.99 -21.48
C ILE B 162 0.90 19.83 -20.82
N PHE B 163 0.61 19.58 -19.54
CA PHE B 163 -0.39 20.37 -18.80
C PHE B 163 0.01 21.85 -18.77
N ASN B 164 1.27 22.15 -18.42
CA ASN B 164 1.76 23.55 -18.45
C ASN B 164 1.70 24.11 -19.87
N ALA B 165 2.13 23.33 -20.86
CA ALA B 165 2.18 23.78 -22.27
C ALA B 165 0.78 24.05 -22.84
N SER B 166 -0.26 23.37 -22.28
CA SER B 166 -1.63 23.53 -22.76
C SER B 166 -2.40 24.55 -21.95
N GLN B 167 -1.73 25.41 -21.15
CA GLN B 167 -2.43 26.42 -20.33
C GLN B 167 -3.35 25.77 -19.29
N TRP B 168 -2.91 24.61 -18.73
CA TRP B 168 -3.63 23.87 -17.69
C TRP B 168 -4.97 23.33 -18.13
N ARG B 169 -5.11 23.05 -19.43
CA ARG B 169 -6.35 22.57 -20.02
C ARG B 169 -6.31 21.11 -20.36
N PHE B 170 -5.12 20.60 -20.71
CA PHE B 170 -4.98 19.24 -21.18
C PHE B 170 -3.95 18.49 -20.31
N PRO B 171 -4.34 17.44 -19.54
CA PRO B 171 -5.71 16.92 -19.33
C PRO B 171 -6.45 17.79 -18.31
N ASN B 172 -7.79 17.76 -18.36
CA ASN B 172 -8.70 18.59 -17.56
C ASN B 172 -8.40 18.38 -16.08
N PRO B 173 -8.13 19.45 -15.29
CA PRO B 173 -7.73 19.25 -13.89
C PRO B 173 -8.86 18.85 -12.91
N ASN B 174 -10.11 18.68 -13.40
CA ASN B 174 -11.16 18.15 -12.54
C ASN B 174 -11.18 16.62 -12.63
N SER B 175 -10.74 16.03 -13.76
CA SER B 175 -10.84 14.59 -13.96
C SER B 175 -9.48 13.87 -14.08
N TRP B 176 -8.36 14.61 -14.16
CA TRP B 176 -7.00 14.05 -14.16
C TRP B 176 -6.24 14.87 -13.15
N PHE B 177 -5.41 14.20 -12.35
CA PHE B 177 -4.69 14.84 -11.26
C PHE B 177 -3.59 15.78 -11.72
N LEU B 178 -3.86 17.10 -11.64
CA LEU B 178 -2.89 18.15 -11.94
C LEU B 178 -1.83 17.79 -12.97
N GLY B 179 -2.25 17.59 -14.20
CA GLY B 179 -1.30 17.33 -15.27
C GLY B 179 -0.76 15.94 -15.38
N HIS B 180 -1.19 15.04 -14.50
CA HIS B 180 -0.79 13.63 -14.55
C HIS B 180 -1.93 12.90 -15.29
N PHE B 181 -1.61 12.03 -16.25
CA PHE B 181 -2.66 11.26 -16.94
C PHE B 181 -3.13 10.08 -16.07
N SER B 182 -3.73 10.40 -14.90
CA SER B 182 -4.18 9.41 -13.93
C SER B 182 -4.95 10.18 -12.87
N ASN B 183 -5.41 9.47 -11.84
CA ASN B 183 -6.12 10.10 -10.69
C ASN B 183 -5.12 10.44 -9.55
N GLY B 184 -3.81 10.28 -9.80
CA GLY B 184 -2.83 10.60 -8.78
C GLY B 184 -1.44 10.48 -9.32
N PHE B 185 -0.47 10.22 -8.42
CA PHE B 185 0.92 10.04 -8.84
C PHE B 185 1.11 8.93 -9.87
N VAL B 186 2.14 9.08 -10.70
CA VAL B 186 2.55 8.10 -11.70
C VAL B 186 3.71 7.28 -11.09
N TRP B 187 4.10 6.19 -11.78
CA TRP B 187 5.09 5.24 -11.23
C TRP B 187 6.43 5.89 -10.83
N THR B 188 6.92 6.87 -11.61
CA THR B 188 8.23 7.50 -11.28
C THR B 188 8.17 8.23 -9.95
N GLU B 189 7.02 8.86 -9.64
CA GLU B 189 6.85 9.57 -8.36
C GLU B 189 6.85 8.61 -7.21
N TYR B 190 6.23 7.45 -7.37
CA TYR B 190 6.22 6.43 -6.31
C TYR B 190 7.61 5.87 -6.09
N VAL B 191 8.37 5.68 -7.18
CA VAL B 191 9.76 5.19 -7.06
C VAL B 191 10.58 6.23 -6.30
N ALA B 192 10.54 7.50 -6.75
CA ALA B 192 11.28 8.60 -6.12
C ALA B 192 10.88 8.79 -4.64
N LYS B 193 9.58 8.73 -4.33
CA LYS B 193 9.10 8.86 -2.95
C LYS B 193 9.61 7.72 -2.06
N ALA B 194 9.53 6.46 -2.54
CA ALA B 194 10.01 5.28 -1.79
C ALA B 194 11.47 5.45 -1.35
N LYS B 195 12.28 6.10 -2.18
CA LYS B 195 13.70 6.31 -1.94
C LYS B 195 14.00 7.71 -1.40
N ASN B 196 12.94 8.52 -1.16
CA ASN B 196 13.02 9.92 -0.71
C ASN B 196 13.97 10.71 -1.62
N LEU B 197 13.81 10.54 -2.95
CA LEU B 197 14.66 11.23 -3.90
C LEU B 197 13.86 12.28 -4.63
N PRO B 198 14.46 13.41 -5.00
CA PRO B 198 13.72 14.38 -5.82
C PRO B 198 13.52 13.79 -7.23
N LEU B 199 12.41 14.13 -7.86
CA LEU B 199 12.11 13.70 -9.22
C LEU B 199 12.07 14.90 -10.15
N TYR B 200 12.85 14.84 -11.24
CA TYR B 200 12.90 15.92 -12.22
C TYR B 200 12.39 15.36 -13.51
N ASN B 201 11.19 15.79 -13.91
CA ASN B 201 10.50 15.20 -15.04
C ASN B 201 10.63 15.92 -16.37
N TRP B 202 11.11 15.19 -17.42
CA TRP B 202 11.16 15.74 -18.77
C TRP B 202 10.11 15.01 -19.67
N ALA B 203 9.50 13.92 -19.19
CA ALA B 203 8.49 13.21 -19.94
C ALA B 203 7.32 14.14 -20.32
N VAL B 204 6.74 13.93 -21.52
CA VAL B 204 5.64 14.79 -22.01
C VAL B 204 4.51 13.91 -22.54
N GLY B 205 3.27 14.16 -22.07
CA GLY B 205 2.12 13.41 -22.60
C GLY B 205 2.07 13.57 -24.10
N GLY B 206 1.91 12.46 -24.81
CA GLY B 206 1.83 12.42 -26.27
C GLY B 206 3.17 12.30 -26.97
N ALA B 207 4.28 12.21 -26.20
CA ALA B 207 5.60 12.15 -26.81
C ALA B 207 5.85 10.85 -27.57
N ALA B 208 6.46 11.00 -28.73
CA ALA B 208 7.00 9.91 -29.53
C ALA B 208 8.56 10.01 -29.45
N GLY B 209 9.26 9.18 -30.22
CA GLY B 209 10.72 9.22 -30.25
C GLY B 209 11.23 10.51 -30.86
N GLU B 210 10.44 11.05 -31.80
CA GLU B 210 10.72 12.30 -32.52
C GLU B 210 9.50 13.21 -32.40
N ASN B 211 9.67 14.53 -32.69
CA ASN B 211 8.56 15.50 -32.56
C ASN B 211 7.45 15.23 -33.60
N GLN B 212 6.19 15.39 -33.21
CA GLN B 212 5.06 15.14 -34.10
C GLN B 212 4.14 16.37 -34.14
N TYR B 213 3.54 16.65 -35.34
CA TYR B 213 2.63 17.79 -35.57
C TYR B 213 3.26 19.10 -35.10
N ILE B 214 4.60 19.16 -35.22
CA ILE B 214 5.50 20.26 -34.86
C ILE B 214 5.61 20.49 -33.32
N ALA B 215 4.47 20.67 -32.63
CA ALA B 215 4.41 21.00 -31.20
C ALA B 215 4.61 19.84 -30.20
N LEU B 216 4.21 18.60 -30.53
CA LEU B 216 4.32 17.46 -29.59
C LEU B 216 5.79 17.01 -29.43
N THR B 217 6.42 17.37 -28.28
CA THR B 217 7.85 17.25 -27.93
C THR B 217 8.36 15.79 -27.57
N GLY B 218 9.08 15.25 -28.54
CA GLY B 218 9.68 13.93 -28.51
C GLY B 218 10.82 13.68 -27.54
N VAL B 219 11.18 12.40 -27.38
CA VAL B 219 12.21 11.97 -26.43
C VAL B 219 13.60 12.54 -26.82
N GLY B 220 13.88 12.70 -28.11
CA GLY B 220 15.13 13.32 -28.57
C GLY B 220 15.23 14.75 -28.04
N GLU B 221 14.13 15.49 -28.10
CA GLU B 221 14.09 16.86 -27.59
C GLU B 221 14.18 16.88 -26.06
N GLN B 222 13.61 15.86 -25.38
CA GLN B 222 13.68 15.75 -23.92
C GLN B 222 15.13 15.53 -23.50
N VAL B 223 15.87 14.67 -24.23
CA VAL B 223 17.28 14.45 -23.94
C VAL B 223 18.05 15.77 -24.12
N SER B 224 17.83 16.48 -25.23
CA SER B 224 18.50 17.77 -25.50
C SER B 224 18.18 18.77 -24.39
N SER B 225 16.92 18.83 -23.95
CA SER B 225 16.49 19.71 -22.88
C SER B 225 17.20 19.35 -21.58
N TYR B 226 17.20 18.04 -21.21
CA TYR B 226 17.91 17.58 -20.00
C TYR B 226 19.39 18.02 -20.06
N LEU B 227 20.06 17.82 -21.21
CA LEU B 227 21.48 18.17 -21.37
C LEU B 227 21.73 19.66 -21.22
N THR B 228 20.80 20.47 -21.69
CA THR B 228 20.89 21.93 -21.65
C THR B 228 20.70 22.46 -20.22
N TYR B 229 19.57 22.13 -19.58
CA TYR B 229 19.28 22.59 -18.23
C TYR B 229 20.34 22.14 -17.20
N THR B 230 20.89 20.90 -17.34
CA THR B 230 21.86 20.41 -16.37
C THR B 230 23.22 21.10 -16.46
N LYS B 231 23.49 21.81 -17.58
CA LYS B 231 24.74 22.57 -17.71
C LYS B 231 24.71 23.75 -16.73
N LEU B 232 23.50 24.22 -16.38
CA LEU B 232 23.29 25.34 -15.46
C LEU B 232 23.27 24.90 -13.99
N ALA B 233 23.12 23.58 -13.72
CA ALA B 233 23.10 23.03 -12.36
C ALA B 233 24.47 23.13 -11.74
N LYS B 234 24.54 23.29 -10.41
CA LYS B 234 25.80 23.38 -9.67
C LYS B 234 26.15 22.02 -9.11
N ASN B 235 27.46 21.68 -9.14
CA ASN B 235 28.03 20.43 -8.66
C ASN B 235 27.30 19.21 -9.24
N TYR B 236 26.90 19.29 -10.52
CA TYR B 236 26.13 18.22 -11.15
C TYR B 236 26.99 17.07 -11.60
N ASN B 237 26.77 15.90 -11.00
CA ASN B 237 27.48 14.67 -11.37
C ASN B 237 26.44 13.70 -11.95
N PRO B 238 26.45 13.48 -13.29
CA PRO B 238 25.42 12.61 -13.91
C PRO B 238 25.38 11.17 -13.40
N ALA B 239 26.49 10.67 -12.82
CA ALA B 239 26.58 9.32 -12.26
C ALA B 239 25.67 9.13 -11.04
N ASN B 240 25.24 10.24 -10.37
CA ASN B 240 24.35 10.17 -9.22
C ASN B 240 22.86 10.32 -9.60
N THR B 241 22.57 10.30 -10.91
CA THR B 241 21.18 10.39 -11.37
C THR B 241 20.66 9.01 -11.74
N LEU B 242 19.42 8.70 -11.33
CA LEU B 242 18.73 7.50 -11.76
C LEU B 242 17.84 7.96 -12.90
N PHE B 243 18.09 7.45 -14.10
CA PHE B 243 17.29 7.78 -15.27
C PHE B 243 16.19 6.77 -15.46
N THR B 244 14.97 7.25 -15.79
CA THR B 244 13.88 6.36 -16.17
C THR B 244 13.55 6.67 -17.61
N LEU B 245 13.23 5.64 -18.42
CA LEU B 245 12.94 5.86 -19.83
C LEU B 245 11.89 4.90 -20.29
N GLU B 246 10.88 5.42 -20.97
CA GLU B 246 9.84 4.59 -21.63
C GLU B 246 9.18 5.43 -22.66
N PHE B 247 8.98 4.89 -23.88
CA PHE B 247 8.18 5.54 -24.93
C PHE B 247 8.05 4.52 -26.03
N GLY B 248 7.22 4.84 -27.00
CA GLY B 248 7.02 3.96 -28.17
C GLY B 248 5.54 3.75 -28.43
N LEU B 249 4.74 3.76 -27.35
CA LEU B 249 3.28 3.54 -27.52
C LEU B 249 2.62 4.61 -28.37
N ASN B 250 2.88 5.93 -28.14
CA ASN B 250 2.31 6.95 -29.02
C ASN B 250 2.83 6.80 -30.45
N ASP B 251 4.15 6.51 -30.59
CA ASP B 251 4.75 6.33 -31.90
C ASP B 251 3.92 5.31 -32.71
N PHE B 252 3.55 4.16 -32.07
CA PHE B 252 2.81 3.10 -32.78
C PHE B 252 1.32 3.33 -32.87
N MET B 253 0.72 3.81 -31.80
CA MET B 253 -0.73 3.99 -31.75
C MET B 253 -1.21 5.20 -32.52
N ASN B 254 -0.54 6.34 -32.34
CA ASN B 254 -1.01 7.61 -32.89
C ASN B 254 -0.29 8.15 -34.09
N TYR B 255 0.99 7.77 -34.28
CA TYR B 255 1.77 8.38 -35.35
C TYR B 255 2.15 7.39 -36.45
N ASN B 256 1.66 6.13 -36.36
CA ASN B 256 1.90 5.08 -37.37
C ASN B 256 3.40 4.89 -37.68
N ARG B 257 4.27 5.05 -36.68
CA ARG B 257 5.72 4.92 -36.89
C ARG B 257 6.16 3.48 -37.05
N SER B 258 7.23 3.27 -37.82
CA SER B 258 7.78 1.93 -38.07
C SER B 258 8.56 1.47 -36.86
N VAL B 259 8.67 0.15 -36.66
CA VAL B 259 9.45 -0.42 -35.54
C VAL B 259 10.94 0.02 -35.64
N PRO B 260 11.60 -0.02 -36.83
CA PRO B 260 13.02 0.41 -36.86
C PRO B 260 13.22 1.86 -36.46
N GLU B 261 12.31 2.79 -36.85
CA GLU B 261 12.57 4.17 -36.46
C GLU B 261 12.37 4.41 -34.96
N VAL B 262 11.49 3.64 -34.32
CA VAL B 262 11.29 3.79 -32.87
C VAL B 262 12.44 3.13 -32.14
N LYS B 263 12.90 1.98 -32.64
CA LYS B 263 14.06 1.30 -32.06
C LYS B 263 15.28 2.23 -32.14
N ALA B 264 15.46 2.89 -33.32
CA ALA B 264 16.59 3.81 -33.54
C ALA B 264 16.54 4.99 -32.57
N ASP B 265 15.34 5.54 -32.30
CA ASP B 265 15.19 6.66 -31.35
C ASP B 265 15.52 6.26 -29.93
N TYR B 266 15.13 5.06 -29.56
CA TYR B 266 15.36 4.52 -28.21
C TYR B 266 16.87 4.27 -28.03
N ALA B 267 17.51 3.63 -29.02
CA ALA B 267 18.96 3.40 -28.96
C ALA B 267 19.71 4.74 -28.89
N GLU B 268 19.25 5.74 -29.68
CA GLU B 268 19.84 7.07 -29.72
C GLU B 268 19.76 7.75 -28.35
N ALA B 269 18.60 7.65 -27.69
CA ALA B 269 18.45 8.28 -26.39
C ALA B 269 19.47 7.70 -25.40
N LEU B 270 19.65 6.38 -25.39
CA LEU B 270 20.63 5.74 -24.49
C LEU B 270 22.07 6.06 -24.86
N ILE B 271 22.38 6.14 -26.17
CA ILE B 271 23.74 6.53 -26.61
C ILE B 271 24.03 7.96 -26.11
N ARG B 272 23.09 8.89 -26.33
CA ARG B 272 23.28 10.29 -25.94
C ARG B 272 23.44 10.44 -24.42
N LEU B 273 22.59 9.77 -23.64
CA LEU B 273 22.67 9.86 -22.18
C LEU B 273 23.95 9.23 -21.63
N THR B 274 24.33 8.03 -22.11
CA THR B 274 25.56 7.37 -21.64
C THR B 274 26.81 8.14 -22.04
N ASP B 275 26.82 8.75 -23.24
CA ASP B 275 27.94 9.60 -23.65
C ASP B 275 28.06 10.85 -22.78
N ALA B 276 26.93 11.31 -22.20
CA ALA B 276 26.90 12.47 -21.32
C ALA B 276 27.08 12.10 -19.83
N GLY B 277 27.55 10.89 -19.56
CA GLY B 277 27.86 10.45 -18.20
C GLY B 277 26.80 9.71 -17.41
N ALA B 278 25.66 9.34 -18.04
CA ALA B 278 24.61 8.58 -17.36
C ALA B 278 25.13 7.16 -17.10
N LYS B 279 24.85 6.62 -15.91
CA LYS B 279 25.33 5.29 -15.50
C LYS B 279 24.23 4.38 -15.01
N ASN B 280 23.13 4.96 -14.50
CA ASN B 280 22.03 4.23 -13.84
C ASN B 280 20.70 4.42 -14.55
N PHE B 281 20.07 3.31 -14.93
CA PHE B 281 18.79 3.35 -15.62
C PHE B 281 17.78 2.36 -15.08
N MET B 282 16.50 2.79 -15.07
CA MET B 282 15.35 1.93 -14.85
C MET B 282 14.66 1.88 -16.20
N LEU B 283 14.69 0.72 -16.83
CA LEU B 283 14.05 0.53 -18.12
C LEU B 283 12.86 -0.40 -17.96
N MET B 284 11.92 -0.32 -18.91
CA MET B 284 10.77 -1.20 -18.87
C MET B 284 10.28 -1.53 -20.25
N THR B 285 9.72 -2.72 -20.39
CA THR B 285 9.05 -3.08 -21.64
C THR B 285 7.72 -2.31 -21.67
N LEU B 286 7.07 -2.27 -22.83
CA LEU B 286 5.87 -1.50 -22.98
C LEU B 286 4.67 -2.35 -22.74
N PRO B 287 3.69 -1.84 -21.99
CA PRO B 287 2.45 -2.64 -21.81
C PRO B 287 1.75 -2.71 -23.16
N ASP B 288 0.99 -3.79 -23.40
CA ASP B 288 0.22 -3.90 -24.62
C ASP B 288 -1.00 -3.01 -24.49
N ALA B 289 -0.86 -1.76 -24.97
CA ALA B 289 -1.91 -0.75 -24.93
C ALA B 289 -3.18 -1.22 -25.64
N THR B 290 -3.11 -2.22 -26.55
CA THR B 290 -4.31 -2.73 -27.22
C THR B 290 -5.23 -3.47 -26.27
N LYS B 291 -4.74 -3.76 -25.06
CA LYS B 291 -5.56 -4.40 -24.04
C LYS B 291 -6.28 -3.34 -23.16
N ALA B 292 -6.02 -2.03 -23.41
CA ALA B 292 -6.69 -0.92 -22.70
C ALA B 292 -8.10 -0.70 -23.31
N PRO B 293 -9.02 -0.06 -22.55
CA PRO B 293 -10.38 0.17 -23.08
C PRO B 293 -10.47 0.92 -24.41
N GLN B 294 -9.49 1.79 -24.69
CA GLN B 294 -9.41 2.58 -25.92
C GLN B 294 -9.69 1.68 -27.15
N PHE B 295 -9.12 0.48 -27.12
CA PHE B 295 -9.16 -0.42 -28.29
C PHE B 295 -10.43 -1.20 -28.47
N LYS B 296 -11.43 -1.01 -27.57
CA LYS B 296 -12.76 -1.56 -27.79
C LYS B 296 -13.29 -0.89 -29.08
N TYR B 297 -12.84 0.36 -29.34
CA TYR B 297 -13.31 1.21 -30.43
C TYR B 297 -12.42 1.21 -31.66
N SER B 298 -11.37 0.37 -31.66
CA SER B 298 -10.48 0.24 -32.81
C SER B 298 -10.78 -1.05 -33.56
N THR B 299 -10.35 -1.15 -34.81
CA THR B 299 -10.58 -2.37 -35.59
C THR B 299 -9.59 -3.43 -35.16
N GLN B 300 -9.93 -4.71 -35.39
CA GLN B 300 -9.04 -5.84 -35.11
C GLN B 300 -7.72 -5.71 -35.89
N GLU B 301 -7.77 -5.23 -37.15
CA GLU B 301 -6.56 -5.07 -37.97
C GLU B 301 -5.59 -4.05 -37.29
N GLU B 302 -6.14 -2.95 -36.79
CA GLU B 302 -5.35 -1.91 -36.08
C GLU B 302 -4.74 -2.50 -34.81
N ILE B 303 -5.54 -3.28 -34.06
CA ILE B 303 -5.08 -3.93 -32.83
C ILE B 303 -3.91 -4.86 -33.13
N GLU B 304 -4.08 -5.74 -34.14
CA GLU B 304 -3.03 -6.70 -34.47
C GLU B 304 -1.74 -6.01 -34.92
N THR B 305 -1.86 -4.91 -35.70
CA THR B 305 -0.69 -4.13 -36.17
C THR B 305 0.08 -3.56 -34.97
N ILE B 306 -0.62 -2.82 -34.11
CA ILE B 306 -0.02 -2.19 -32.93
C ILE B 306 0.61 -3.23 -32.00
N ARG B 307 -0.12 -4.32 -31.70
CA ARG B 307 0.36 -5.38 -30.83
C ARG B 307 1.69 -5.97 -31.36
N ALA B 308 1.74 -6.27 -32.68
CA ALA B 308 2.95 -6.86 -33.30
C ALA B 308 4.14 -5.90 -33.12
N LYS B 309 3.90 -4.57 -33.29
CA LYS B 309 4.95 -3.53 -33.13
C LYS B 309 5.43 -3.48 -31.67
N VAL B 310 4.51 -3.53 -30.72
CA VAL B 310 4.83 -3.57 -29.29
C VAL B 310 5.72 -4.78 -28.94
N LEU B 311 5.38 -5.98 -29.42
CA LEU B 311 6.16 -7.19 -29.11
C LEU B 311 7.57 -7.08 -29.67
N LYS B 312 7.70 -6.53 -30.88
CA LYS B 312 9.01 -6.35 -31.51
C LYS B 312 9.85 -5.36 -30.73
N MET B 313 9.24 -4.23 -30.36
CA MET B 313 9.90 -3.20 -29.55
C MET B 313 10.39 -3.74 -28.19
N ASN B 314 9.56 -4.57 -27.54
CA ASN B 314 9.89 -5.15 -26.23
C ASN B 314 11.10 -6.08 -26.28
N GLU B 315 11.25 -6.85 -27.36
CA GLU B 315 12.45 -7.70 -27.53
C GLU B 315 13.68 -6.80 -27.67
N PHE B 316 13.52 -5.66 -28.37
CA PHE B 316 14.62 -4.69 -28.57
C PHE B 316 14.99 -4.03 -27.24
N ILE B 317 13.98 -3.67 -26.42
CA ILE B 317 14.21 -3.07 -25.11
C ILE B 317 15.03 -4.02 -24.25
N LYS B 318 14.65 -5.31 -24.26
CA LYS B 318 15.36 -6.35 -23.49
C LYS B 318 16.83 -6.44 -23.99
N ALA B 319 17.03 -6.40 -25.31
CA ALA B 319 18.38 -6.49 -25.90
C ALA B 319 19.21 -5.26 -25.49
N GLN B 320 18.59 -4.05 -25.51
CA GLN B 320 19.27 -2.80 -25.10
C GLN B 320 19.69 -2.84 -23.64
N ALA B 321 18.80 -3.31 -22.73
CA ALA B 321 19.12 -3.43 -21.31
C ALA B 321 20.35 -4.36 -21.12
N MET B 322 20.38 -5.48 -21.84
CA MET B 322 21.46 -6.47 -21.79
C MET B 322 22.77 -5.85 -22.33
N TYR B 323 22.67 -5.08 -23.43
CA TYR B 323 23.81 -4.40 -24.08
C TYR B 323 24.51 -3.46 -23.09
N TYR B 324 23.73 -2.61 -22.39
CA TYR B 324 24.29 -1.68 -21.42
C TYR B 324 24.77 -2.38 -20.16
N LYS B 325 24.02 -3.40 -19.68
CA LYS B 325 24.47 -4.21 -18.53
C LYS B 325 25.85 -4.87 -18.84
N ALA B 326 26.00 -5.43 -20.05
CA ALA B 326 27.25 -6.07 -20.49
C ALA B 326 28.42 -5.10 -20.48
N GLN B 327 28.16 -3.80 -20.75
CA GLN B 327 29.17 -2.74 -20.78
C GLN B 327 29.52 -2.16 -19.39
N GLY B 328 28.92 -2.69 -18.32
CA GLY B 328 29.20 -2.24 -16.97
C GLY B 328 28.25 -1.20 -16.39
N TYR B 329 27.21 -0.82 -17.15
CA TYR B 329 26.22 0.16 -16.66
C TYR B 329 25.29 -0.51 -15.65
N ASN B 330 24.65 0.30 -14.78
CA ASN B 330 23.71 -0.22 -13.78
C ASN B 330 22.33 -0.13 -14.37
N ILE B 331 21.77 -1.30 -14.72
CA ILE B 331 20.47 -1.34 -15.39
C ILE B 331 19.48 -2.19 -14.61
N ALA B 332 18.30 -1.63 -14.32
CA ALA B 332 17.19 -2.37 -13.76
C ALA B 332 16.12 -2.46 -14.86
N LEU B 333 15.81 -3.64 -15.31
CA LEU B 333 14.80 -3.82 -16.34
C LEU B 333 13.57 -4.49 -15.71
N PHE B 334 12.39 -3.90 -15.91
CA PHE B 334 11.14 -4.51 -15.42
C PHE B 334 10.23 -4.84 -16.58
N ASP B 335 9.63 -6.05 -16.56
CA ASP B 335 8.73 -6.45 -17.65
C ASP B 335 7.31 -5.95 -17.42
N THR B 336 7.06 -4.66 -17.68
CA THR B 336 5.73 -4.04 -17.53
C THR B 336 4.74 -4.74 -18.49
N HIS B 337 5.21 -5.16 -19.69
CA HIS B 337 4.35 -5.90 -20.61
C HIS B 337 3.76 -7.16 -19.92
N ALA B 338 4.61 -8.02 -19.30
CA ALA B 338 4.15 -9.22 -18.61
C ALA B 338 3.20 -8.87 -17.47
N LEU B 339 3.47 -7.78 -16.73
CA LEU B 339 2.59 -7.36 -15.64
C LEU B 339 1.21 -6.98 -16.14
N PHE B 340 1.13 -6.20 -17.26
CA PHE B 340 -0.16 -5.80 -17.80
C PHE B 340 -0.94 -6.96 -18.41
N GLU B 341 -0.25 -7.99 -18.91
CA GLU B 341 -0.92 -9.21 -19.42
C GLU B 341 -1.65 -9.89 -18.26
N LYS B 342 -1.03 -9.93 -17.08
CA LYS B 342 -1.62 -10.50 -15.87
C LYS B 342 -2.76 -9.66 -15.34
N LEU B 343 -2.60 -8.33 -15.30
CA LEU B 343 -3.65 -7.42 -14.84
C LEU B 343 -4.88 -7.50 -15.70
N THR B 344 -4.72 -7.60 -17.02
CA THR B 344 -5.87 -7.60 -17.92
C THR B 344 -6.53 -8.96 -18.06
N SER B 345 -5.80 -10.05 -17.86
CA SER B 345 -6.35 -11.41 -17.95
C SER B 345 -6.91 -11.92 -16.61
N ALA B 346 -6.33 -11.49 -15.47
CA ALA B 346 -6.77 -11.94 -14.13
C ALA B 346 -6.65 -10.79 -13.09
N PRO B 347 -7.46 -9.70 -13.23
CA PRO B 347 -7.33 -8.57 -12.29
C PRO B 347 -7.52 -8.92 -10.81
N GLU B 348 -8.42 -9.88 -10.52
CA GLU B 348 -8.77 -10.33 -9.16
C GLU B 348 -7.57 -10.88 -8.40
N GLU B 349 -6.58 -11.45 -9.10
CA GLU B 349 -5.34 -12.00 -8.51
C GLU B 349 -4.39 -10.88 -8.07
N HIS B 350 -4.67 -9.64 -8.51
CA HIS B 350 -3.77 -8.52 -8.20
C HIS B 350 -4.46 -7.42 -7.36
N GLY B 351 -5.65 -7.73 -6.84
CA GLY B 351 -6.44 -6.83 -6.00
C GLY B 351 -7.31 -5.84 -6.76
N PHE B 352 -7.61 -6.15 -8.02
CA PHE B 352 -8.48 -5.26 -8.84
C PHE B 352 -9.78 -5.96 -9.19
N VAL B 353 -10.87 -5.20 -9.31
CA VAL B 353 -12.18 -5.78 -9.66
C VAL B 353 -12.51 -5.64 -11.15
N ASN B 354 -11.85 -4.68 -11.84
CA ASN B 354 -12.15 -4.41 -13.24
C ASN B 354 -10.90 -3.99 -13.98
N ALA B 355 -10.60 -4.70 -15.08
CA ALA B 355 -9.48 -4.35 -15.95
C ALA B 355 -10.02 -4.10 -17.36
N SER B 356 -11.36 -4.02 -17.53
CA SER B 356 -11.93 -3.89 -18.87
C SER B 356 -12.51 -2.50 -19.20
N ASP B 357 -12.85 -1.72 -18.19
CA ASP B 357 -13.47 -0.41 -18.38
C ASP B 357 -12.67 0.68 -17.70
N PRO B 358 -12.73 1.89 -18.22
CA PRO B 358 -12.10 3.01 -17.48
C PRO B 358 -12.89 3.27 -16.21
N CYS B 359 -12.25 3.83 -15.20
CA CYS B 359 -12.95 4.25 -14.00
C CYS B 359 -13.89 5.43 -14.39
N LEU B 360 -13.36 6.35 -15.23
CA LEU B 360 -14.16 7.47 -15.72
C LEU B 360 -15.20 6.98 -16.71
N ASP B 361 -16.35 7.64 -16.76
CA ASP B 361 -17.43 7.23 -17.65
C ASP B 361 -17.21 7.74 -19.07
N ILE B 362 -16.12 7.28 -19.69
CA ILE B 362 -15.73 7.63 -21.06
C ILE B 362 -15.96 6.37 -21.85
N ASN B 363 -16.81 6.49 -22.90
CA ASN B 363 -17.28 5.37 -23.69
C ASN B 363 -16.99 5.49 -25.18
N ARG B 364 -15.79 5.99 -25.50
CA ARG B 364 -15.26 6.19 -26.86
C ARG B 364 -13.77 6.50 -26.75
N SER B 365 -13.08 6.59 -27.90
CA SER B 365 -11.67 6.99 -27.91
C SER B 365 -11.54 8.26 -28.71
N SER B 366 -11.39 9.40 -28.00
CA SER B 366 -11.22 10.71 -28.64
C SER B 366 -10.33 11.56 -27.76
N SER B 367 -9.31 12.19 -28.37
CA SER B 367 -8.40 13.06 -27.63
C SER B 367 -9.16 14.26 -27.02
N VAL B 368 -10.32 14.60 -27.58
CA VAL B 368 -11.17 15.73 -27.12
C VAL B 368 -11.60 15.50 -25.66
N ASP B 369 -11.79 14.22 -25.27
CA ASP B 369 -12.27 13.91 -23.89
C ASP B 369 -11.30 14.38 -22.83
N TYR B 370 -10.00 14.52 -23.17
CA TYR B 370 -9.04 15.04 -22.18
C TYR B 370 -9.31 16.49 -21.77
N MET B 371 -10.13 17.20 -22.53
CA MET B 371 -10.41 18.62 -22.24
C MET B 371 -11.60 18.83 -21.31
N TYR B 372 -12.35 17.77 -21.01
CA TYR B 372 -13.61 17.87 -20.28
C TYR B 372 -13.64 17.13 -18.95
N THR B 373 -14.61 17.47 -18.12
CA THR B 373 -14.79 16.81 -16.83
C THR B 373 -15.70 15.59 -17.06
N HIS B 374 -15.41 14.47 -16.38
CA HIS B 374 -16.20 13.25 -16.54
C HIS B 374 -16.54 12.70 -15.17
N SER B 375 -17.76 12.15 -15.03
CA SER B 375 -18.15 11.48 -13.79
C SER B 375 -17.48 10.10 -13.80
N LEU B 376 -17.37 9.47 -12.63
CA LEU B 376 -16.89 8.09 -12.60
C LEU B 376 -18.08 7.22 -13.04
N ARG B 377 -17.81 6.07 -13.68
CA ARG B 377 -18.90 5.15 -14.04
C ARG B 377 -19.38 4.48 -12.73
N SER B 378 -20.63 4.03 -12.70
CA SER B 378 -21.26 3.46 -11.47
C SER B 378 -20.39 2.43 -10.76
N GLU B 379 -19.81 1.47 -11.52
CA GLU B 379 -18.98 0.39 -10.96
C GLU B 379 -17.76 0.95 -10.26
N CYS B 380 -17.15 2.00 -10.85
CA CYS B 380 -15.97 2.57 -10.20
C CYS B 380 -16.31 3.41 -8.99
N ALA B 381 -17.41 4.18 -9.06
CA ALA B 381 -17.88 4.98 -7.92
C ALA B 381 -18.17 4.03 -6.73
N ALA B 382 -18.68 2.82 -7.01
CA ALA B 382 -19.02 1.81 -6.01
C ALA B 382 -17.77 1.09 -5.44
N SER B 383 -16.81 0.68 -6.30
CA SER B 383 -15.62 -0.07 -5.85
C SER B 383 -14.50 0.82 -5.31
N GLY B 384 -14.40 2.03 -5.84
CA GLY B 384 -13.30 2.94 -5.59
C GLY B 384 -12.30 2.76 -6.73
N ALA B 385 -11.64 3.86 -7.10
CA ALA B 385 -10.66 3.88 -8.18
C ALA B 385 -9.43 3.01 -7.90
N ASP B 386 -9.18 2.69 -6.61
CA ASP B 386 -8.05 1.82 -6.30
C ASP B 386 -8.28 0.37 -6.75
N LYS B 387 -9.53 0.03 -7.14
CA LYS B 387 -9.88 -1.33 -7.60
C LYS B 387 -10.05 -1.44 -9.12
N PHE B 388 -9.76 -0.38 -9.86
CA PHE B 388 -9.78 -0.39 -11.33
C PHE B 388 -8.35 -0.31 -11.82
N VAL B 389 -8.06 -1.07 -12.88
CA VAL B 389 -6.72 -1.02 -13.49
C VAL B 389 -6.56 0.31 -14.21
N PHE B 390 -7.60 0.69 -14.98
CA PHE B 390 -7.56 1.88 -15.85
C PHE B 390 -8.38 3.03 -15.33
N TRP B 391 -7.80 4.24 -15.43
CA TRP B 391 -8.46 5.48 -15.02
C TRP B 391 -9.31 6.00 -16.14
N ASP B 392 -8.71 6.11 -17.31
CA ASP B 392 -9.41 6.60 -18.49
C ASP B 392 -9.33 5.49 -19.55
N VAL B 393 -9.53 5.79 -20.84
CA VAL B 393 -9.51 4.68 -21.84
C VAL B 393 -8.10 4.14 -22.13
N THR B 394 -7.05 4.83 -21.65
CA THR B 394 -5.67 4.43 -21.97
C THR B 394 -4.79 4.20 -20.73
N HIS B 395 -4.87 5.12 -19.77
CA HIS B 395 -3.94 5.17 -18.66
C HIS B 395 -4.32 4.41 -17.44
N PRO B 396 -3.28 3.92 -16.71
CA PRO B 396 -3.52 3.23 -15.45
C PRO B 396 -4.00 4.20 -14.38
N THR B 397 -4.75 3.68 -13.40
CA THR B 397 -5.11 4.42 -12.19
C THR B 397 -3.79 4.59 -11.38
N THR B 398 -3.83 5.45 -10.34
CA THR B 398 -2.65 5.65 -9.52
C THR B 398 -2.35 4.37 -8.71
N ALA B 399 -3.38 3.57 -8.40
CA ALA B 399 -3.18 2.27 -7.71
C ALA B 399 -2.37 1.34 -8.62
N THR B 400 -2.65 1.33 -9.94
CA THR B 400 -1.87 0.52 -10.90
C THR B 400 -0.45 1.11 -11.00
N HIS B 401 -0.30 2.46 -11.10
CA HIS B 401 1.05 3.07 -11.11
C HIS B 401 1.88 2.69 -9.87
N ARG B 402 1.24 2.66 -8.68
CA ARG B 402 1.92 2.29 -7.44
C ARG B 402 2.38 0.83 -7.52
N TYR B 403 1.49 -0.03 -8.05
CA TYR B 403 1.76 -1.48 -8.22
C TYR B 403 2.96 -1.68 -9.13
N VAL B 404 3.04 -0.90 -10.23
CA VAL B 404 4.15 -0.90 -11.19
C VAL B 404 5.44 -0.48 -10.46
N ALA B 405 5.36 0.64 -9.74
CA ALA B 405 6.50 1.19 -9.01
C ALA B 405 7.06 0.16 -8.00
N GLU B 406 6.18 -0.51 -7.23
CA GLU B 406 6.56 -1.52 -6.23
C GLU B 406 7.29 -2.69 -6.89
N LYS B 407 6.82 -3.11 -8.08
CA LYS B 407 7.45 -4.15 -8.86
C LYS B 407 8.79 -3.68 -9.48
N MET B 408 8.89 -2.41 -9.95
CA MET B 408 10.14 -1.82 -10.48
C MET B 408 11.19 -1.73 -9.34
N LEU B 409 10.75 -1.41 -8.10
CA LEU B 409 11.64 -1.33 -6.93
C LEU B 409 12.22 -2.70 -6.59
N GLU B 410 11.38 -3.75 -6.69
CA GLU B 410 11.75 -5.15 -6.45
C GLU B 410 12.76 -5.64 -7.50
N SER B 411 12.64 -5.20 -8.76
CA SER B 411 13.55 -5.62 -9.85
C SER B 411 14.94 -4.99 -9.71
N SER B 412 15.01 -3.81 -9.06
CA SER B 412 16.24 -3.06 -8.81
C SER B 412 16.84 -3.47 -7.46
N ASN B 413 16.14 -4.36 -6.74
CA ASN B 413 16.46 -4.86 -5.40
C ASN B 413 16.55 -3.69 -4.39
N ASN B 414 15.60 -2.73 -4.50
CA ASN B 414 15.46 -1.50 -3.71
C ASN B 414 16.67 -0.57 -3.93
N LEU B 415 16.95 -0.29 -5.22
CA LEU B 415 18.04 0.53 -5.74
C LEU B 415 19.46 -0.03 -5.40
N GLU B 416 19.54 -1.35 -5.06
CA GLU B 416 20.80 -2.07 -4.79
C GLU B 416 21.59 -2.22 -6.09
N GLU B 417 20.87 -2.33 -7.22
CA GLU B 417 21.47 -2.50 -8.53
C GLU B 417 22.34 -1.28 -8.92
N PHE B 418 22.00 -0.10 -8.38
CA PHE B 418 22.69 1.17 -8.65
C PHE B 418 23.68 1.53 -7.55
OH2 1PE C . -13.26 -12.95 4.22
C12 1PE C . -14.36 -13.62 4.81
C22 1PE C . -13.96 -14.97 5.33
OH3 1PE C . -13.60 -15.83 4.25
C13 1PE C . -11.84 -17.11 5.23
C23 1PE C . -13.23 -17.13 4.67
OH4 1PE C . -11.41 -18.40 5.58
C14 1PE C . -10.42 -18.87 7.71
C24 1PE C . -10.20 -18.38 6.32
OH5 1PE C . -11.79 -19.16 7.93
C15 1PE C . -12.79 -21.12 8.81
C25 1PE C . -12.03 -19.87 9.12
OH6 1PE C . -12.59 -22.06 9.85
C16 1PE C . -13.62 -23.69 11.23
C26 1PE C . -13.63 -23.04 9.90
OH7 1PE C . -13.55 -22.73 12.27
OH2 1PE D . -5.62 -3.29 3.52
C12 1PE D . -4.60 -3.42 4.50
C22 1PE D . -5.14 -3.21 5.89
OH3 1PE D . -5.40 -1.83 6.11
C13 1PE D . -5.84 -0.11 7.73
C23 1PE D . -5.99 -1.55 7.37
OH4 1PE D . -6.69 0.67 6.90
C14 1PE D . -7.37 2.84 6.14
C24 1PE D . -6.61 2.06 7.17
OH5 1PE D . -7.04 2.37 4.83
C15 1PE D . -8.33 2.21 2.82
C25 1PE D . -7.68 3.13 3.81
OH6 1PE D . -7.34 1.37 2.19
C16 1PE D . -6.87 -0.40 0.65
C26 1PE D . -7.91 0.55 1.17
OH7 1PE D . -6.76 -1.57 1.46
N1 1PS E . -15.58 6.64 10.58
C1 1PS E . -16.09 5.83 9.62
C2 1PS E . -15.25 5.10 8.80
C3 1PS E . -14.23 6.76 10.74
C4 1PS E . -13.37 6.06 9.93
C5 1PS E . -13.88 5.22 8.96
C6 1PS E . -16.49 7.39 11.48
C7 1PS E . -17.24 8.49 10.75
C8 1PS E . -17.63 9.65 11.68
S1 1PS E . -18.92 9.24 12.84
O1 1PS E . -19.63 10.49 13.11
O2 1PS E . -18.25 8.72 14.02
O3 1PS E . -19.76 8.25 12.19
N1 1PS F . -10.37 16.40 20.01
C1 1PS F . -10.30 15.08 19.71
C2 1PS F . -10.75 14.12 20.60
C3 1PS F . -10.92 16.80 21.18
C4 1PS F . -11.39 15.87 22.10
C5 1PS F . -11.30 14.52 21.80
C6 1PS F . -9.74 17.39 19.12
C7 1PS F . -10.28 17.38 17.70
C8 1PS F . -9.71 18.58 16.93
S1 1PS F . -9.85 18.41 15.15
O1 1PS F . -9.38 19.67 14.60
O2 1PS F . -8.98 17.29 14.79
O3 1PS F . -11.25 18.15 14.87
C1 PEG G . -0.77 -0.94 9.21
O1 PEG G . -1.82 -0.58 8.33
C2 PEG G . -1.32 -1.35 10.54
O2 PEG G . -0.28 -1.93 11.33
C3 PEG G . -0.55 -3.29 11.68
C4 PEG G . -0.87 -3.38 13.14
O4 PEG G . -2.27 -3.27 13.34
C1 PEG H . -0.97 18.77 16.59
O1 PEG H . -0.66 20.10 16.20
C2 PEG H . -2.31 18.68 17.23
O2 PEG H . -2.71 17.32 17.36
C3 PEG H . -3.92 17.03 16.69
C4 PEG H . -4.88 16.37 17.63
O4 PEG H . -6.21 16.44 17.13
C1 PEG I . -3.52 -7.39 27.67
O1 PEG I . -4.08 -7.20 28.95
C2 PEG I . -4.59 -7.59 26.66
O2 PEG I . -4.03 -8.05 25.44
C3 PEG I . -4.79 -7.70 24.28
C4 PEG I . -5.85 -8.72 23.99
O4 PEG I . -7.12 -8.28 24.47
C1 PEG J . 11.51 7.49 23.50
O1 PEG J . 10.62 8.26 24.30
C2 PEG J . 11.88 6.21 24.17
O2 PEG J . 10.71 5.48 24.54
C3 PEG J . 10.95 4.10 24.75
C4 PEG J . 10.71 3.76 26.21
O4 PEG J . 9.34 3.54 26.48
MG MG K . 5.00 -18.41 -3.18
OH2 1PE L . -1.87 12.56 -25.27
C12 1PE L . -1.77 11.32 -24.58
C22 1PE L . -2.46 10.23 -25.35
OH3 1PE L . -2.13 8.96 -24.80
C13 1PE L . -1.26 6.80 -25.31
C23 1PE L . -2.06 7.97 -25.80
OH4 1PE L . -0.16 7.23 -24.54
C14 1PE L . 1.33 5.83 -23.30
C24 1PE L . 0.95 6.34 -24.64
OH5 1PE L . 0.21 5.18 -22.71
C15 1PE L . -0.63 3.87 -20.86
C25 1PE L . 0.50 4.70 -21.40
OH6 1PE L . -0.41 2.51 -21.21
C16 1PE L . -1.82 0.59 -21.16
C26 1PE L . -1.06 1.59 -20.33
OH7 1PE L . -2.72 1.25 -22.03
OH2 1PE M . 6.25 21.95 -24.64
C12 1PE M . 7.30 21.54 -23.76
C22 1PE M . 6.83 21.40 -22.33
OH3 1PE M . 6.75 22.70 -21.75
C13 1PE M . 6.38 24.08 -19.86
C23 1PE M . 6.34 22.69 -20.40
OH4 1PE M . 5.48 24.91 -20.58
C14 1PE M . 4.39 27.02 -20.79
C24 1PE M . 5.42 26.22 -20.05
OH5 1PE M . 4.72 27.09 -22.16
C15 1PE M . 3.25 27.49 -24.00
C25 1PE M . 4.02 28.10 -22.86
OH6 1PE M . 4.11 26.71 -24.83
C16 1PE M . 4.30 25.04 -26.55
C26 1PE M . 3.39 25.75 -25.60
OH7 1PE M . 4.97 23.94 -25.94
OH2 1PE N . 21.13 -9.95 -26.62
C12 1PE N . 21.33 -8.56 -26.48
C22 1PE N . 22.77 -8.18 -26.41
OH3 1PE N . 23.34 -8.72 -25.21
C13 1PE N . 25.60 -9.21 -24.59
C23 1PE N . 24.61 -8.13 -24.91
OH4 1PE N . 25.17 -9.94 -23.45
C14 1PE N . 25.33 -12.02 -22.31
C24 1PE N . 26.07 -10.96 -23.04
OH5 1PE N . 24.46 -12.71 -23.21
C15 1PE N . 23.11 -14.67 -23.43
C25 1PE N . 23.46 -13.50 -22.56
OH6 1PE N . 21.92 -15.30 -22.98
C16 1PE N . 19.65 -15.68 -23.71
C26 1PE N . 21.11 -15.78 -24.06
OH7 1PE N . 19.31 -14.39 -23.20
N1 1PS O . 10.97 21.69 -17.85
C1 1PS O . 10.57 20.57 -17.22
C2 1PS O . 11.38 19.97 -16.26
C3 1PS O . 12.16 22.27 -17.56
C4 1PS O . 12.99 21.70 -16.61
C5 1PS O . 12.60 20.54 -15.96
C6 1PS O . 10.09 22.33 -18.87
C7 1PS O . 9.89 21.45 -20.09
C8 1PS O . 11.17 21.24 -20.91
S1 1PS O . 11.54 22.59 -22.00
O1 1PS O . 11.79 23.75 -21.15
O2 1PS O . 10.35 22.78 -22.83
O3 1PS O . 12.70 22.19 -22.77
N1 1PS P . -2.58 29.77 -14.82
C1 1PS P . -1.25 29.87 -15.01
C2 1PS P . -0.67 29.42 -16.18
C3 1PS P . -3.38 29.22 -15.76
C4 1PS P . -2.83 28.74 -16.95
C5 1PS P . -1.47 28.84 -17.15
C6 1PS P . -3.18 30.23 -13.54
C7 1PS P . -3.96 31.52 -13.70
C8 1PS P . -4.72 31.83 -12.41
S1 1PS P . -5.86 33.19 -12.57
O1 1PS P . -5.17 34.36 -12.05
O2 1PS P . -6.17 33.30 -13.99
O3 1PS P . -7.02 32.83 -11.77
C1 PEG Q . 9.63 12.57 -1.17
O1 PEG Q . 9.83 11.57 -0.20
C2 PEG Q . 10.47 12.33 -2.39
O2 PEG Q . 10.05 13.20 -3.44
C3 PEG Q . 9.72 12.50 -4.64
C4 PEG Q . 8.31 12.83 -5.04
O4 PEG Q . 7.81 11.83 -5.92
MG MG R . 15.10 8.80 -35.06
#